data_6MYN
#
_entry.id   6MYN
#
_cell.length_a   143.220
_cell.length_b   143.220
_cell.length_c   46.410
_cell.angle_alpha   90.000
_cell.angle_beta   90.000
_cell.angle_gamma   90.000
#
_symmetry.space_group_name_H-M   'P 43'
#
loop_
_entity.id
_entity.type
_entity.pdbx_description
1 polymer 'Mitogen-activated protein kinase kinase kinase 14'
2 non-polymer 'SULFATE ION'
3 non-polymer (5s,7s)-9-fluoro-10-[(3R)-3-hydroxy-3-(5-methyl-1,2-oxazol-3-yl)but-1-yn-1-yl]-N~3~-methyl-6,7-dihydro-5H-5,7-methanoimidazo[2,1-a][2]benzazepine-2,3-dicarboxamide
4 water water
#
_entity_poly.entity_id   1
_entity_poly.type   'polypeptide(L)'
_entity_poly.pdbx_seq_one_letter_code
;ALEKVPVEEYLVHALQGSVSSGQAHSLASLAKTWSSGSAKLQRLGPETEDNEGVLLTEKLKPVDYEYREEVHWMTHQPRV
GRGSFGEVHRMKDKQTGFQCAVKKVRLEVFRVEELVACAGLSSPRIVPLYGAVREGPWVNIFMELLEGGSLGQLIKQMGC
LPEDRALYYLGQALEGLEYLHTRRILHGDVKADNVLLSSDGSRAALCDFGHALCLQPDGLGKSLLTGDYIPGTETHMAPE
VVMGKPCDAKVDIWSSCCMMLHMLNGCHPWTQYFRGPLCLKIASEPPPIREIPPSCAPLTAQAIQEGLRKEPVHRASAME
LRRKVGKALQEVGGLKSPWKGEYKEPR
;
_entity_poly.pdbx_strand_id   A,B
#
loop_
_chem_comp.id
_chem_comp.type
_chem_comp.name
_chem_comp.formula
K6Y non-polymer (5s,7s)-9-fluoro-10-[(3R)-3-hydroxy-3-(5-methyl-1,2-oxazol-3-yl)but-1-yn-1-yl]-N~3~-methyl-6,7-dihydro-5H-5,7-methanoimidazo[2,1-a][2]benzazepine-2,3-dicarboxamide 'C24 H22 F N5 O4'
SO4 non-polymer 'SULFATE ION' 'O4 S -2'
#
# COMPACT_ATOMS: atom_id res chain seq x y z
N PRO A 6 15.01 -15.18 -0.41
CA PRO A 6 14.75 -16.37 0.44
C PRO A 6 13.29 -16.43 0.92
N VAL A 7 12.95 -15.62 1.93
CA VAL A 7 11.56 -15.43 2.32
C VAL A 7 10.74 -14.74 1.23
N GLU A 8 11.38 -14.15 0.22
CA GLU A 8 10.68 -13.47 -0.86
C GLU A 8 9.50 -14.28 -1.38
N GLU A 9 9.80 -15.47 -1.91
CA GLU A 9 8.80 -16.36 -2.48
C GLU A 9 7.69 -16.65 -1.50
N TYR A 10 7.99 -16.61 -0.21
CA TYR A 10 7.01 -16.89 0.83
C TYR A 10 6.02 -15.74 1.00
N LEU A 11 6.51 -14.50 0.86
CA LEU A 11 5.68 -13.31 1.01
C LEU A 11 4.70 -13.17 -0.15
N VAL A 12 5.17 -13.47 -1.35
CA VAL A 12 4.29 -13.48 -2.51
C VAL A 12 3.13 -14.42 -2.26
N HIS A 13 3.40 -15.61 -1.70
N HIS A 13 3.39 -15.59 -1.68
CA HIS A 13 2.35 -16.60 -1.50
CA HIS A 13 2.34 -16.57 -1.52
C HIS A 13 1.32 -16.13 -0.48
C HIS A 13 1.33 -16.16 -0.45
N ALA A 14 1.75 -15.37 0.53
CA ALA A 14 0.79 -14.85 1.49
C ALA A 14 -0.14 -13.84 0.84
N LEU A 15 0.35 -13.11 -0.17
CA LEU A 15 -0.44 -12.09 -0.83
C LEU A 15 -1.43 -12.67 -1.83
N GLN A 16 -1.07 -13.73 -2.54
CA GLN A 16 -1.97 -14.30 -3.52
C GLN A 16 -3.26 -14.79 -2.88
N GLY A 17 -4.36 -14.59 -3.60
CA GLY A 17 -5.63 -15.19 -3.28
C GLY A 17 -6.48 -14.39 -2.35
N SER A 18 -5.98 -13.27 -1.83
CA SER A 18 -6.86 -12.39 -1.08
C SER A 18 -6.54 -10.95 -1.44
N VAL A 19 -7.38 -10.05 -0.95
CA VAL A 19 -7.21 -8.62 -1.11
C VAL A 19 -6.95 -8.05 0.26
N SER A 20 -5.86 -7.31 0.41
CA SER A 20 -5.47 -6.80 1.73
C SER A 20 -5.11 -5.32 1.68
N SER A 21 -5.17 -4.71 2.87
CA SER A 21 -4.56 -3.41 3.09
C SER A 21 -3.06 -3.59 3.24
N GLY A 22 -2.29 -2.75 2.57
CA GLY A 22 -0.86 -2.90 2.57
C GLY A 22 -0.13 -1.71 2.00
N GLN A 23 1.02 -1.99 1.40
CA GLN A 23 1.96 -0.95 0.99
C GLN A 23 2.59 -1.29 -0.36
N ALA A 24 3.09 -0.24 -1.00
CA ALA A 24 3.43 -0.30 -2.40
C ALA A 24 4.35 -1.45 -2.71
N HIS A 25 5.31 -1.75 -1.80
CA HIS A 25 6.25 -2.84 -2.06
C HIS A 25 5.52 -4.16 -2.15
N SER A 26 4.49 -4.38 -1.31
CA SER A 26 3.64 -5.55 -1.40
C SER A 26 2.87 -5.58 -2.70
N LEU A 27 2.27 -4.45 -3.08
CA LEU A 27 1.51 -4.39 -4.33
C LEU A 27 2.37 -4.78 -5.51
N ALA A 28 3.63 -4.35 -5.52
CA ALA A 28 4.50 -4.66 -6.66
C ALA A 28 4.92 -6.12 -6.67
N SER A 29 5.24 -6.68 -5.50
CA SER A 29 5.44 -8.11 -5.33
C SER A 29 4.31 -8.91 -5.97
N LEU A 30 3.08 -8.59 -5.54
CA LEU A 30 1.92 -9.27 -6.07
C LEU A 30 1.74 -9.01 -7.55
N ALA A 31 2.01 -7.77 -7.99
CA ALA A 31 1.69 -7.38 -9.37
C ALA A 31 2.55 -8.14 -10.36
N LYS A 32 3.81 -8.41 -9.99
CA LYS A 32 4.71 -9.20 -10.82
C LYS A 32 4.15 -10.57 -11.13
N THR A 33 3.24 -11.10 -10.30
CA THR A 33 2.70 -12.42 -10.62
C THR A 33 1.61 -12.36 -11.66
N TRP A 34 1.08 -11.17 -11.96
CA TRP A 34 -0.01 -11.01 -12.92
C TRP A 34 0.44 -11.10 -14.37
N SER A 35 1.58 -11.74 -14.63
CA SER A 35 2.13 -12.00 -15.98
C SER A 35 2.56 -10.72 -16.66
N ASP A 50 -8.42 -15.84 -7.86
CA ASP A 50 -9.47 -15.11 -8.59
C ASP A 50 -9.46 -13.63 -8.28
N ASN A 51 -9.78 -13.29 -7.03
CA ASN A 51 -9.91 -11.91 -6.55
C ASN A 51 -8.77 -11.67 -5.55
N GLU A 52 -7.67 -11.09 -6.02
CA GLU A 52 -6.48 -10.80 -5.23
C GLU A 52 -6.07 -9.35 -5.53
N GLY A 53 -5.24 -8.77 -4.67
CA GLY A 53 -4.83 -7.40 -4.80
C GLY A 53 -4.46 -6.78 -3.48
N VAL A 54 -3.81 -5.61 -3.55
CA VAL A 54 -3.43 -4.82 -2.38
C VAL A 54 -3.97 -3.39 -2.54
N LEU A 55 -4.59 -2.88 -1.48
CA LEU A 55 -5.07 -1.50 -1.44
C LEU A 55 -4.12 -0.65 -0.60
N LEU A 56 -3.76 0.52 -1.11
CA LEU A 56 -2.75 1.33 -0.42
C LEU A 56 -3.33 2.43 0.47
N THR A 57 -4.64 2.63 0.53
CA THR A 57 -5.19 3.73 1.32
C THR A 57 -6.34 3.27 2.21
N GLU A 58 -6.48 3.93 3.36
CA GLU A 58 -7.43 3.49 4.37
C GLU A 58 -8.86 3.61 3.89
N LYS A 59 -9.14 4.40 2.85
CA LYS A 59 -10.49 4.58 2.38
C LYS A 59 -10.91 3.58 1.29
N LEU A 60 -10.04 2.65 0.91
CA LEU A 60 -10.41 1.52 0.05
C LEU A 60 -10.12 0.26 0.89
N LYS A 61 -11.16 -0.35 1.46
CA LYS A 61 -11.01 -1.43 2.45
C LYS A 61 -11.62 -2.73 1.94
N PRO A 62 -10.89 -3.84 2.00
CA PRO A 62 -11.48 -5.13 1.63
C PRO A 62 -12.38 -5.62 2.75
N VAL A 63 -13.23 -6.58 2.39
CA VAL A 63 -14.13 -7.17 3.38
C VAL A 63 -13.98 -8.68 3.28
N ASP A 64 -13.49 -9.28 4.35
CA ASP A 64 -13.26 -10.72 4.41
C ASP A 64 -12.52 -11.20 3.18
N TYR A 65 -11.32 -10.64 3.00
CA TYR A 65 -10.31 -11.04 2.03
C TYR A 65 -10.69 -10.70 0.61
N GLU A 66 -11.76 -9.92 0.40
CA GLU A 66 -12.28 -9.65 -0.94
C GLU A 66 -12.47 -8.16 -1.22
N TYR A 67 -12.38 -7.83 -2.51
CA TYR A 67 -12.76 -6.50 -3.02
C TYR A 67 -13.34 -6.74 -4.40
N ARG A 68 -14.67 -6.82 -4.51
CA ARG A 68 -15.30 -7.20 -5.77
C ARG A 68 -16.15 -6.06 -6.29
N GLU A 69 -16.03 -5.79 -7.60
CA GLU A 69 -16.80 -4.73 -8.25
C GLU A 69 -18.30 -4.95 -8.08
N GLU A 70 -19.01 -3.90 -7.67
CA GLU A 70 -20.45 -3.87 -7.48
C GLU A 70 -20.85 -4.51 -6.15
N VAL A 71 -19.92 -5.07 -5.40
CA VAL A 71 -20.18 -5.61 -4.08
C VAL A 71 -19.57 -4.71 -3.01
N HIS A 72 -18.27 -4.48 -3.09
CA HIS A 72 -17.57 -3.62 -2.14
C HIS A 72 -17.24 -2.26 -2.72
N TRP A 73 -17.13 -2.16 -4.05
CA TRP A 73 -17.08 -0.88 -4.76
C TRP A 73 -18.02 -0.90 -5.96
N MET A 74 -18.74 0.21 -6.14
CA MET A 74 -19.63 0.46 -7.27
C MET A 74 -19.06 1.53 -8.19
N THR A 75 -19.19 1.32 -9.50
CA THR A 75 -18.99 2.41 -10.43
C THR A 75 -20.11 3.44 -10.27
N HIS A 76 -19.78 4.70 -10.53
CA HIS A 76 -20.74 5.79 -10.41
C HIS A 76 -21.81 5.70 -11.52
N GLN A 77 -23.09 5.68 -11.08
CA GLN A 77 -24.29 6.04 -11.85
C GLN A 77 -24.37 5.25 -13.17
N PRO A 78 -25.08 5.73 -14.21
CA PRO A 78 -24.80 5.18 -15.55
C PRO A 78 -23.33 5.38 -15.88
N ARG A 79 -22.72 4.33 -16.43
CA ARG A 79 -21.27 4.32 -16.56
C ARG A 79 -20.79 5.48 -17.42
N VAL A 80 -19.82 6.22 -16.91
CA VAL A 80 -19.11 7.25 -17.63
C VAL A 80 -17.64 6.85 -17.67
N GLY A 81 -17.15 6.46 -18.88
CA GLY A 81 -15.74 6.18 -19.09
C GLY A 81 -14.97 7.42 -19.48
N ARG A 82 -13.63 7.35 -19.41
CA ARG A 82 -12.93 8.60 -19.69
C ARG A 82 -11.53 8.47 -20.29
N GLY A 83 -10.98 7.27 -20.51
CA GLY A 83 -9.71 7.14 -21.19
C GLY A 83 -9.84 7.01 -22.70
N SER A 84 -8.71 6.75 -23.35
CA SER A 84 -8.73 6.41 -24.77
C SER A 84 -9.70 5.27 -25.10
N PHE A 85 -9.86 4.30 -24.17
CA PHE A 85 -10.68 3.12 -24.37
C PHE A 85 -11.93 3.14 -23.51
N GLY A 86 -12.25 4.29 -22.92
CA GLY A 86 -13.42 4.36 -22.05
C GLY A 86 -13.32 3.43 -20.89
N GLU A 87 -12.12 3.29 -20.32
CA GLU A 87 -11.80 2.28 -19.31
C GLU A 87 -11.52 2.88 -17.95
N VAL A 88 -11.65 4.20 -17.82
CA VAL A 88 -11.40 4.89 -16.56
C VAL A 88 -12.75 5.36 -16.05
N HIS A 89 -13.05 5.08 -14.79
CA HIS A 89 -14.35 5.42 -14.25
C HIS A 89 -14.21 6.02 -12.87
N ARG A 90 -15.22 6.78 -12.49
CA ARG A 90 -15.44 7.19 -11.13
C ARG A 90 -16.10 6.04 -10.37
N MET A 91 -15.80 5.95 -9.07
CA MET A 91 -16.25 4.83 -8.26
C MET A 91 -16.35 5.25 -6.80
N LYS A 92 -17.13 4.51 -6.06
CA LYS A 92 -17.27 4.72 -4.63
C LYS A 92 -16.94 3.43 -3.90
N ASP A 93 -16.26 3.53 -2.78
CA ASP A 93 -16.14 2.41 -1.87
C ASP A 93 -17.42 2.31 -1.07
N LYS A 94 -18.12 1.18 -1.19
CA LYS A 94 -19.46 1.07 -0.63
C LYS A 94 -19.47 1.31 0.87
N GLN A 95 -18.47 0.80 1.59
CA GLN A 95 -18.46 0.94 3.04
C GLN A 95 -17.97 2.31 3.49
N THR A 96 -16.85 2.80 2.95
CA THR A 96 -16.30 4.07 3.43
C THR A 96 -16.92 5.30 2.79
N GLY A 97 -17.66 5.15 1.68
CA GLY A 97 -18.19 6.28 0.95
C GLY A 97 -17.17 7.06 0.15
N PHE A 98 -15.89 6.72 0.26
CA PHE A 98 -14.84 7.39 -0.47
C PHE A 98 -15.03 7.20 -1.97
N GLN A 99 -14.64 8.22 -2.75
CA GLN A 99 -14.69 8.19 -4.20
C GLN A 99 -13.30 8.33 -4.80
N CYS A 100 -13.10 7.69 -5.94
CA CYS A 100 -11.82 7.78 -6.64
C CYS A 100 -11.96 7.22 -8.06
N ALA A 101 -10.86 6.91 -8.72
CA ALA A 101 -10.90 6.49 -10.11
C ALA A 101 -10.38 5.07 -10.26
N VAL A 102 -11.05 4.29 -11.12
CA VAL A 102 -10.58 3.00 -11.57
C VAL A 102 -10.19 3.11 -13.01
N LYS A 103 -9.02 2.57 -13.34
CA LYS A 103 -8.67 2.20 -14.70
C LYS A 103 -8.75 0.68 -14.80
N LYS A 104 -9.56 0.18 -15.74
CA LYS A 104 -9.62 -1.26 -16.03
C LYS A 104 -8.56 -1.66 -17.07
N VAL A 105 -7.85 -2.75 -16.80
CA VAL A 105 -6.84 -3.29 -17.71
C VAL A 105 -7.12 -4.77 -17.91
N ARG A 106 -7.17 -5.22 -19.15
CA ARG A 106 -7.31 -6.63 -19.42
C ARG A 106 -6.11 -7.42 -18.90
N LEU A 107 -6.40 -8.39 -18.01
CA LEU A 107 -5.33 -9.15 -17.35
C LEU A 107 -4.41 -9.81 -18.38
N GLU A 108 -4.96 -10.16 -19.54
CA GLU A 108 -4.16 -10.85 -20.55
C GLU A 108 -3.15 -9.93 -21.22
N VAL A 109 -3.34 -8.62 -21.14
CA VAL A 109 -2.40 -7.69 -21.78
C VAL A 109 -1.71 -6.82 -20.76
N PHE A 110 -1.87 -7.13 -19.47
CA PHE A 110 -1.35 -6.30 -18.39
C PHE A 110 0.17 -6.27 -18.39
N ARG A 111 0.74 -5.07 -18.41
CA ARG A 111 2.18 -4.88 -18.31
C ARG A 111 2.51 -4.69 -16.84
N VAL A 112 3.39 -5.54 -16.32
CA VAL A 112 3.74 -5.47 -14.91
C VAL A 112 4.24 -4.08 -14.53
N GLU A 113 4.96 -3.43 -15.47
CA GLU A 113 5.52 -2.10 -15.18
C GLU A 113 4.45 -1.07 -14.88
N GLU A 114 3.22 -1.27 -15.37
CA GLU A 114 2.17 -0.30 -15.06
C GLU A 114 1.99 -0.12 -13.56
N LEU A 115 2.45 -1.07 -12.75
CA LEU A 115 2.41 -0.93 -11.29
C LEU A 115 3.78 -1.04 -10.64
N VAL A 116 4.71 -1.81 -11.20
CA VAL A 116 6.06 -1.82 -10.62
C VAL A 116 6.71 -0.46 -10.78
N ALA A 117 6.51 0.18 -11.93
CA ALA A 117 7.14 1.46 -12.23
C ALA A 117 6.53 2.62 -11.48
N CYS A 118 5.40 2.44 -10.77
CA CYS A 118 4.76 3.56 -10.09
C CYS A 118 4.40 3.30 -8.65
N ALA A 119 4.31 2.05 -8.22
CA ALA A 119 4.14 1.77 -6.80
C ALA A 119 5.41 2.20 -6.06
N GLY A 120 5.22 2.88 -4.94
CA GLY A 120 6.33 3.42 -4.19
C GLY A 120 6.61 4.88 -4.49
N LEU A 121 6.14 5.38 -5.63
CA LEU A 121 6.35 6.78 -5.97
C LEU A 121 5.56 7.69 -5.03
N SER A 122 6.04 8.93 -4.92
CA SER A 122 5.33 9.98 -4.18
C SER A 122 5.81 11.31 -4.74
N SER A 123 4.95 12.02 -5.43
CA SER A 123 5.35 13.26 -6.08
C SER A 123 4.12 14.07 -6.45
N PRO A 124 4.12 15.37 -6.17
CA PRO A 124 2.94 16.18 -6.47
C PRO A 124 2.61 16.22 -7.95
N ARG A 125 3.59 15.97 -8.81
CA ARG A 125 3.39 16.00 -10.25
C ARG A 125 2.93 14.67 -10.81
N ILE A 126 2.69 13.68 -9.96
CA ILE A 126 2.32 12.33 -10.37
C ILE A 126 1.08 11.88 -9.60
N VAL A 127 0.08 11.39 -10.32
CA VAL A 127 -1.21 11.03 -9.72
C VAL A 127 -1.01 9.92 -8.68
N PRO A 128 -1.57 10.06 -7.48
CA PRO A 128 -1.35 9.03 -6.45
C PRO A 128 -2.06 7.73 -6.80
N LEU A 129 -1.41 6.61 -6.47
CA LEU A 129 -1.94 5.27 -6.68
C LEU A 129 -2.59 4.76 -5.39
N TYR A 130 -3.81 4.27 -5.49
CA TYR A 130 -4.56 3.85 -4.31
C TYR A 130 -4.60 2.33 -4.12
N GLY A 131 -4.27 1.59 -5.15
CA GLY A 131 -4.18 0.15 -5.08
C GLY A 131 -4.44 -0.46 -6.44
N ALA A 132 -4.47 -1.80 -6.45
CA ALA A 132 -4.88 -2.56 -7.63
C ALA A 132 -5.44 -3.88 -7.14
N VAL A 133 -6.56 -4.28 -7.71
CA VAL A 133 -7.20 -5.54 -7.38
C VAL A 133 -7.48 -6.27 -8.67
N ARG A 134 -7.03 -7.52 -8.75
CA ARG A 134 -7.42 -8.40 -9.84
C ARG A 134 -8.76 -9.07 -9.52
N GLU A 135 -9.61 -9.19 -10.52
CA GLU A 135 -10.89 -9.85 -10.35
C GLU A 135 -11.20 -10.52 -11.68
N GLY A 136 -10.83 -11.79 -11.79
CA GLY A 136 -11.01 -12.54 -13.00
C GLY A 136 -10.12 -11.99 -14.08
N PRO A 137 -10.72 -11.60 -15.20
CA PRO A 137 -9.93 -11.13 -16.35
C PRO A 137 -9.55 -9.65 -16.29
N TRP A 138 -9.95 -8.95 -15.22
CA TRP A 138 -9.71 -7.52 -15.03
C TRP A 138 -8.63 -7.26 -13.98
N VAL A 139 -7.62 -6.47 -14.36
CA VAL A 139 -6.81 -5.77 -13.38
C VAL A 139 -7.42 -4.38 -13.21
N ASN A 140 -7.98 -4.12 -12.02
CA ASN A 140 -8.56 -2.83 -11.69
C ASN A 140 -7.52 -2.01 -10.95
N ILE A 141 -7.18 -0.83 -11.48
CA ILE A 141 -6.17 0.04 -10.88
C ILE A 141 -6.85 1.30 -10.35
N PHE A 142 -6.69 1.57 -9.07
CA PHE A 142 -7.39 2.64 -8.37
C PHE A 142 -6.45 3.81 -8.15
N MET A 143 -6.97 5.04 -8.27
CA MET A 143 -6.14 6.20 -8.00
C MET A 143 -7.00 7.36 -7.52
N GLU A 144 -6.33 8.43 -7.10
CA GLU A 144 -7.02 9.67 -6.78
C GLU A 144 -7.81 10.17 -7.97
N LEU A 145 -8.99 10.72 -7.70
CA LEU A 145 -9.83 11.35 -8.70
C LEU A 145 -9.52 12.84 -8.68
N LEU A 146 -8.98 13.35 -9.77
CA LEU A 146 -8.70 14.78 -9.92
C LEU A 146 -9.82 15.40 -10.72
N GLU A 147 -10.48 16.40 -10.12
CA GLU A 147 -11.79 16.86 -10.61
C GLU A 147 -11.73 17.77 -11.85
N GLY A 148 -10.59 18.44 -12.10
CA GLY A 148 -10.42 19.20 -13.32
C GLY A 148 -10.32 18.40 -14.61
N GLY A 149 -10.34 17.09 -14.58
CA GLY A 149 -10.23 16.38 -15.84
C GLY A 149 -8.81 16.43 -16.43
N SER A 150 -8.71 15.88 -17.63
CA SER A 150 -7.42 15.80 -18.31
C SER A 150 -7.15 17.06 -19.12
N LEU A 151 -5.86 17.44 -19.15
CA LEU A 151 -5.39 18.45 -20.09
C LEU A 151 -5.87 18.17 -21.51
N GLY A 152 -6.01 16.90 -21.88
CA GLY A 152 -6.56 16.59 -23.20
C GLY A 152 -7.96 17.15 -23.38
N GLN A 153 -8.78 17.05 -22.32
CA GLN A 153 -10.11 17.63 -22.36
C GLN A 153 -10.04 19.15 -22.35
N LEU A 154 -9.23 19.72 -21.44
CA LEU A 154 -9.05 21.17 -21.36
C LEU A 154 -8.81 21.77 -22.73
N ILE A 155 -7.88 21.17 -23.49
CA ILE A 155 -7.57 21.65 -24.83
C ILE A 155 -8.80 21.59 -25.73
N LYS A 156 -9.53 20.47 -25.70
CA LYS A 156 -10.73 20.35 -26.56
C LYS A 156 -11.77 21.38 -26.16
N GLN A 157 -11.99 21.53 -24.86
CA GLN A 157 -12.92 22.52 -24.36
C GLN A 157 -12.55 23.91 -24.86
N MET A 158 -11.31 24.32 -24.62
CA MET A 158 -10.96 25.72 -24.85
C MET A 158 -10.35 25.98 -26.23
N GLY A 159 -10.17 24.96 -27.06
CA GLY A 159 -9.65 25.14 -28.40
C GLY A 159 -8.15 25.00 -28.43
N CYS A 160 -7.47 25.91 -27.75
CA CYS A 160 -6.04 25.80 -27.49
C CYS A 160 -5.72 26.65 -26.28
N LEU A 161 -4.46 26.60 -25.83
CA LEU A 161 -4.28 27.33 -24.59
C LEU A 161 -3.44 28.59 -24.80
N PRO A 162 -3.78 29.65 -24.11
CA PRO A 162 -2.82 30.75 -23.92
C PRO A 162 -1.40 30.27 -23.67
N GLU A 163 -0.41 31.03 -24.16
CA GLU A 163 0.97 30.61 -24.08
C GLU A 163 1.43 30.47 -22.64
N ASP A 164 0.99 31.37 -21.75
CA ASP A 164 1.44 31.32 -20.36
C ASP A 164 0.91 30.06 -19.68
N ARG A 165 -0.36 29.72 -19.92
CA ARG A 165 -0.92 28.50 -19.36
C ARG A 165 -0.21 27.27 -19.91
N ALA A 166 0.00 27.23 -21.23
CA ALA A 166 0.67 26.08 -21.82
C ALA A 166 2.06 25.89 -21.23
N LEU A 167 2.83 26.96 -21.07
CA LEU A 167 4.14 26.82 -20.43
C LEU A 167 3.98 26.34 -19.00
N TYR A 168 3.03 26.92 -18.29
CA TYR A 168 2.83 26.60 -16.89
C TYR A 168 2.58 25.11 -16.70
N TYR A 169 1.72 24.51 -17.53
CA TYR A 169 1.49 23.08 -17.40
C TYR A 169 2.70 22.28 -17.90
N LEU A 170 3.28 22.67 -19.04
CA LEU A 170 4.46 21.98 -19.52
C LEU A 170 5.56 21.92 -18.47
N GLY A 171 5.61 22.88 -17.55
CA GLY A 171 6.71 22.91 -16.62
C GLY A 171 6.52 21.88 -15.55
N GLN A 172 5.27 21.76 -15.11
CA GLN A 172 4.89 20.71 -14.19
C GLN A 172 5.08 19.32 -14.79
N ALA A 173 4.63 19.13 -16.03
CA ALA A 173 4.85 17.86 -16.70
C ALA A 173 6.33 17.50 -16.69
N LEU A 174 7.18 18.45 -17.04
CA LEU A 174 8.61 18.24 -16.94
C LEU A 174 9.06 18.02 -15.49
N GLU A 175 8.38 18.64 -14.53
CA GLU A 175 8.72 18.43 -13.12
C GLU A 175 8.51 16.98 -12.71
N GLY A 176 7.36 16.40 -13.07
CA GLY A 176 7.14 14.98 -12.89
C GLY A 176 8.06 14.07 -13.72
N LEU A 177 8.44 14.48 -14.93
CA LEU A 177 9.40 13.70 -15.69
C LEU A 177 10.78 13.71 -15.04
N GLU A 178 11.13 14.81 -14.36
CA GLU A 178 12.37 14.85 -13.59
C GLU A 178 12.37 13.79 -12.52
N TYR A 179 11.33 13.81 -11.69
CA TYR A 179 11.11 12.79 -10.66
C TYR A 179 11.22 11.38 -11.25
N LEU A 180 10.49 11.10 -12.34
CA LEU A 180 10.51 9.75 -12.91
C LEU A 180 11.89 9.39 -13.45
N HIS A 181 12.59 10.34 -14.04
CA HIS A 181 13.78 10.02 -14.80
C HIS A 181 14.98 9.73 -13.91
N THR A 182 15.20 10.55 -12.88
CA THR A 182 16.34 10.26 -12.02
C THR A 182 16.13 8.99 -11.20
N ARG A 183 14.93 8.43 -11.19
CA ARG A 183 14.71 7.09 -10.68
C ARG A 183 14.71 6.08 -11.79
N ARG A 184 15.37 6.40 -12.89
CA ARG A 184 15.49 5.54 -14.05
C ARG A 184 14.14 4.93 -14.49
N ILE A 185 13.07 5.73 -14.41
CA ILE A 185 11.76 5.36 -14.95
C ILE A 185 11.45 6.21 -16.17
N LEU A 186 10.97 5.58 -17.23
CA LEU A 186 10.55 6.21 -18.47
C LEU A 186 9.03 6.07 -18.59
N HIS A 187 8.31 7.20 -18.72
CA HIS A 187 6.84 7.17 -18.66
C HIS A 187 6.23 6.48 -19.88
N GLY A 188 6.80 6.71 -21.06
CA GLY A 188 6.43 5.99 -22.26
C GLY A 188 5.33 6.60 -23.11
N ASP A 189 4.48 7.47 -22.54
CA ASP A 189 3.37 8.03 -23.31
C ASP A 189 2.97 9.38 -22.72
N VAL A 190 3.91 10.31 -22.67
CA VAL A 190 3.58 11.66 -22.29
C VAL A 190 2.71 12.30 -23.37
N LYS A 191 1.61 12.91 -22.94
CA LYS A 191 0.64 13.48 -23.86
C LYS A 191 -0.46 14.13 -23.04
N ALA A 192 -1.22 15.04 -23.68
CA ALA A 192 -2.20 15.82 -22.93
C ALA A 192 -3.19 14.91 -22.21
N ASP A 193 -3.61 13.82 -22.87
CA ASP A 193 -4.62 12.96 -22.27
C ASP A 193 -4.16 12.33 -20.96
N ASN A 194 -2.85 12.34 -20.67
CA ASN A 194 -2.29 11.74 -19.45
C ASN A 194 -1.76 12.77 -18.47
N VAL A 195 -2.20 14.02 -18.56
CA VAL A 195 -1.98 14.98 -17.50
C VAL A 195 -3.34 15.30 -16.89
N LEU A 196 -3.45 15.18 -15.59
CA LEU A 196 -4.70 15.45 -14.92
C LEU A 196 -4.57 16.71 -14.08
N LEU A 197 -5.57 17.58 -14.20
CA LEU A 197 -5.59 18.88 -13.55
C LEU A 197 -6.46 18.76 -12.31
N SER A 198 -6.05 19.44 -11.24
CA SER A 198 -6.89 19.66 -10.06
C SER A 198 -8.17 20.45 -10.35
N SER A 199 -8.98 20.71 -9.31
CA SER A 199 -10.31 21.25 -9.53
C SER A 199 -10.28 22.68 -10.06
N ASP A 200 -9.31 23.48 -9.61
CA ASP A 200 -9.17 24.87 -10.01
C ASP A 200 -8.19 25.07 -11.15
N GLY A 201 -7.56 24.01 -11.64
CA GLY A 201 -6.69 24.11 -12.79
C GLY A 201 -5.27 24.47 -12.47
N SER A 202 -4.91 24.56 -11.20
CA SER A 202 -3.60 25.05 -10.79
C SER A 202 -2.54 23.95 -10.64
N ARG A 203 -2.93 22.68 -10.49
CA ARG A 203 -1.99 21.59 -10.27
C ARG A 203 -2.19 20.51 -11.32
N ALA A 204 -1.07 20.03 -11.86
CA ALA A 204 -1.09 19.08 -12.96
C ALA A 204 -0.25 17.89 -12.55
N ALA A 205 -0.72 16.72 -12.92
CA ALA A 205 -0.07 15.50 -12.50
C ALA A 205 -0.17 14.50 -13.63
N LEU A 206 0.86 13.66 -13.74
CA LEU A 206 0.95 12.62 -14.74
C LEU A 206 0.23 11.38 -14.25
N CYS A 207 -0.59 10.80 -15.11
CA CYS A 207 -1.18 9.51 -14.84
C CYS A 207 -0.78 8.56 -15.95
N ASP A 208 -1.26 7.31 -15.84
CA ASP A 208 -1.16 6.20 -16.78
C ASP A 208 0.26 5.71 -17.01
N PHE A 209 0.65 4.65 -16.33
CA PHE A 209 1.98 4.10 -16.55
C PHE A 209 1.96 2.86 -17.41
N GLY A 210 0.90 2.64 -18.18
CA GLY A 210 0.77 1.45 -18.98
C GLY A 210 1.74 1.32 -20.12
N HIS A 211 2.60 2.31 -20.31
CA HIS A 211 3.64 2.30 -21.31
C HIS A 211 4.99 2.47 -20.67
N ALA A 212 5.04 2.50 -19.35
CA ALA A 212 6.26 2.83 -18.63
C ALA A 212 7.31 1.73 -18.79
N LEU A 213 8.53 2.08 -18.42
CA LEU A 213 9.63 1.16 -18.64
C LEU A 213 10.72 1.52 -17.65
N CYS A 214 11.17 0.55 -16.85
CA CYS A 214 12.32 0.74 -15.98
C CYS A 214 13.61 0.69 -16.79
N LEU A 215 14.62 1.45 -16.36
CA LEU A 215 15.83 1.69 -17.14
C LEU A 215 17.10 1.16 -16.48
N GLN A 216 18.18 1.19 -17.28
CA GLN A 216 19.44 0.52 -17.01
C GLN A 216 20.55 1.57 -16.82
N SER A 223 16.88 -0.36 -27.98
CA SER A 223 15.61 -0.49 -28.71
C SER A 223 14.47 -0.72 -27.73
N LEU A 224 13.30 -0.26 -28.16
CA LEU A 224 12.08 -0.41 -27.38
C LEU A 224 11.21 -1.53 -27.90
N LEU A 225 11.52 -2.06 -29.08
CA LEU A 225 10.63 -2.94 -29.83
C LEU A 225 10.87 -4.42 -29.49
N THR A 226 10.73 -4.73 -28.20
CA THR A 226 10.84 -6.10 -27.72
C THR A 226 10.03 -6.27 -26.44
N GLY A 227 9.48 -7.48 -26.27
CA GLY A 227 8.83 -7.85 -25.04
C GLY A 227 7.36 -7.45 -24.97
N ASP A 228 6.92 -7.16 -23.74
CA ASP A 228 5.55 -6.78 -23.45
C ASP A 228 5.22 -5.38 -23.96
N TYR A 229 5.93 -4.94 -25.00
CA TYR A 229 5.96 -3.51 -25.32
C TYR A 229 4.71 -3.09 -26.09
N ILE A 230 3.95 -2.20 -25.48
CA ILE A 230 2.88 -1.45 -26.15
C ILE A 230 3.45 -0.09 -26.52
N PRO A 231 3.38 0.33 -27.78
CA PRO A 231 3.87 1.65 -28.16
C PRO A 231 2.91 2.76 -27.75
N GLY A 232 3.47 3.97 -27.61
CA GLY A 232 2.72 5.13 -27.21
C GLY A 232 2.06 5.83 -28.38
N THR A 233 1.53 7.02 -28.10
CA THR A 233 0.82 7.76 -29.12
C THR A 233 1.74 8.15 -30.28
N GLU A 234 1.33 7.76 -31.48
CA GLU A 234 2.18 7.90 -32.66
C GLU A 234 2.58 9.35 -32.91
N THR A 235 1.65 10.30 -32.78
CA THR A 235 2.00 11.69 -33.07
C THR A 235 3.09 12.21 -32.15
N HIS A 236 3.12 11.79 -30.88
CA HIS A 236 4.13 12.24 -29.94
C HIS A 236 5.36 11.32 -29.88
N MET A 237 5.59 10.53 -30.92
CA MET A 237 6.60 9.47 -30.92
C MET A 237 7.96 10.01 -31.37
N ALA A 238 8.98 9.83 -30.54
CA ALA A 238 10.34 10.29 -30.81
C ALA A 238 10.95 9.56 -32.01
N PRO A 239 11.81 10.23 -32.78
CA PRO A 239 12.37 9.61 -33.99
C PRO A 239 13.17 8.36 -33.72
N GLU A 240 13.89 8.28 -32.60
CA GLU A 240 14.60 7.05 -32.31
C GLU A 240 13.62 5.91 -32.00
N VAL A 241 12.52 6.20 -31.30
CA VAL A 241 11.51 5.18 -31.06
C VAL A 241 11.02 4.56 -32.37
N VAL A 242 10.87 5.38 -33.41
CA VAL A 242 10.30 4.89 -34.66
C VAL A 242 11.30 4.04 -35.43
N MET A 243 12.54 4.55 -35.60
CA MET A 243 13.57 3.89 -36.39
C MET A 243 14.16 2.66 -35.70
N GLY A 244 13.66 2.28 -34.52
CA GLY A 244 14.13 1.11 -33.84
C GLY A 244 15.28 1.34 -32.89
N LYS A 245 16.04 2.44 -33.06
CA LYS A 245 17.26 2.84 -32.35
C LYS A 245 17.11 2.78 -30.82
N PRO A 246 18.20 2.81 -30.06
CA PRO A 246 18.06 2.62 -28.60
C PRO A 246 17.51 3.87 -27.93
N CYS A 247 16.77 3.63 -26.86
CA CYS A 247 15.92 4.65 -26.26
C CYS A 247 16.25 4.84 -24.78
N ASP A 248 16.32 6.11 -24.37
CA ASP A 248 16.49 6.48 -22.97
C ASP A 248 15.43 7.51 -22.58
N ALA A 249 15.55 8.14 -21.40
CA ALA A 249 14.51 9.05 -20.92
C ALA A 249 14.24 10.19 -21.88
N LYS A 250 15.09 10.37 -22.89
CA LYS A 250 14.91 11.48 -23.81
C LYS A 250 13.64 11.36 -24.65
N VAL A 251 13.08 10.16 -24.78
CA VAL A 251 11.88 10.07 -25.61
C VAL A 251 10.71 10.78 -24.95
N ASP A 252 10.64 10.77 -23.60
CA ASP A 252 9.62 11.54 -22.92
C ASP A 252 9.70 13.02 -23.28
N ILE A 253 10.91 13.55 -23.45
CA ILE A 253 11.06 14.97 -23.70
C ILE A 253 10.53 15.33 -25.08
N TRP A 254 10.87 14.54 -26.09
CA TRP A 254 10.23 14.71 -27.39
C TRP A 254 8.71 14.75 -27.26
N SER A 255 8.14 13.82 -26.48
CA SER A 255 6.68 13.74 -26.34
C SER A 255 6.14 15.00 -25.70
N SER A 256 6.70 15.38 -24.55
CA SER A 256 6.25 16.58 -23.87
C SER A 256 6.22 17.79 -24.80
N CYS A 257 7.07 17.81 -25.81
CA CYS A 257 7.07 18.97 -26.69
C CYS A 257 6.06 18.82 -27.81
N CYS A 258 5.76 17.59 -28.22
CA CYS A 258 4.59 17.36 -29.05
C CYS A 258 3.33 17.72 -28.30
N MET A 259 3.30 17.41 -27.01
CA MET A 259 2.21 17.86 -26.17
C MET A 259 2.16 19.37 -26.14
N MET A 260 3.31 20.05 -26.05
CA MET A 260 3.32 21.50 -26.02
C MET A 260 2.65 22.09 -27.25
N LEU A 261 3.04 21.58 -28.43
CA LEU A 261 2.48 22.06 -29.69
C LEU A 261 0.98 21.85 -29.72
N HIS A 262 0.52 20.68 -29.27
CA HIS A 262 -0.89 20.41 -29.15
C HIS A 262 -1.57 21.46 -28.28
N MET A 263 -0.99 21.77 -27.11
CA MET A 263 -1.58 22.78 -26.25
C MET A 263 -1.67 24.13 -26.94
N LEU A 264 -0.66 24.46 -27.76
CA LEU A 264 -0.62 25.77 -28.39
C LEU A 264 -1.48 25.81 -29.64
N ASN A 265 -1.37 24.79 -30.48
CA ASN A 265 -2.09 24.85 -31.74
C ASN A 265 -3.52 24.35 -31.61
N GLY A 266 -3.81 23.53 -30.60
CA GLY A 266 -5.07 22.85 -30.56
C GLY A 266 -5.11 21.59 -31.39
N CYS A 267 -3.99 21.15 -31.94
CA CYS A 267 -3.98 19.85 -32.60
C CYS A 267 -2.59 19.21 -32.47
N HIS A 268 -2.58 17.90 -32.70
CA HIS A 268 -1.35 17.15 -32.63
C HIS A 268 -0.40 17.59 -33.73
N PRO A 269 0.91 17.53 -33.47
CA PRO A 269 1.87 17.68 -34.57
C PRO A 269 1.62 16.66 -35.67
N TRP A 270 2.09 17.01 -36.86
CA TRP A 270 2.08 16.12 -38.01
C TRP A 270 0.71 15.93 -38.67
N THR A 271 -0.40 15.98 -37.92
CA THR A 271 -1.70 15.58 -38.48
C THR A 271 -2.13 16.47 -39.64
N GLN A 272 -1.71 17.73 -39.64
CA GLN A 272 -2.04 18.62 -40.76
C GLN A 272 -1.29 18.19 -42.02
N TYR A 273 0.03 18.24 -41.97
CA TYR A 273 0.86 18.20 -43.17
C TYR A 273 0.91 16.82 -43.84
N PHE A 274 0.61 15.75 -43.12
CA PHE A 274 0.83 14.40 -43.65
C PHE A 274 -0.38 13.51 -43.36
N ARG A 275 -0.74 12.67 -44.33
CA ARG A 275 -1.93 11.85 -44.24
C ARG A 275 -1.61 10.38 -43.97
N GLY A 276 -0.64 9.80 -44.69
CA GLY A 276 -0.33 8.38 -44.62
C GLY A 276 0.31 7.97 -43.32
N PRO A 277 0.91 6.76 -43.27
CA PRO A 277 1.52 6.25 -42.02
C PRO A 277 2.52 7.21 -41.40
N LEU A 278 2.10 7.84 -40.30
CA LEU A 278 2.80 9.03 -39.80
C LEU A 278 4.22 8.72 -39.39
N CYS A 279 4.45 7.53 -38.85
CA CYS A 279 5.77 7.21 -38.32
C CYS A 279 6.83 7.20 -39.41
N LEU A 280 6.44 7.12 -40.69
CA LEU A 280 7.42 7.23 -41.77
C LEU A 280 7.92 8.65 -41.91
N LYS A 281 7.02 9.64 -41.85
CA LYS A 281 7.45 11.03 -41.86
C LYS A 281 8.27 11.39 -40.62
N ILE A 282 7.95 10.78 -39.46
CA ILE A 282 8.66 11.15 -38.24
C ILE A 282 10.16 10.89 -38.37
N ALA A 283 10.54 9.87 -39.13
CA ALA A 283 11.94 9.48 -39.23
C ALA A 283 12.70 10.23 -40.32
N SER A 284 12.03 10.57 -41.42
CA SER A 284 12.64 11.21 -42.58
C SER A 284 12.62 12.73 -42.46
N GLU A 285 11.49 13.29 -42.07
CA GLU A 285 11.28 14.72 -42.06
C GLU A 285 12.11 15.40 -40.96
N PRO A 286 12.26 16.71 -41.06
CA PRO A 286 12.82 17.49 -39.95
C PRO A 286 11.84 17.56 -38.79
N PRO A 287 12.32 17.83 -37.57
CA PRO A 287 11.42 17.87 -36.43
C PRO A 287 10.35 18.92 -36.65
N PRO A 288 9.17 18.69 -36.17
CA PRO A 288 8.03 19.54 -36.54
C PRO A 288 8.08 20.94 -35.95
N ILE A 289 9.24 21.60 -35.89
CA ILE A 289 9.27 22.93 -35.30
C ILE A 289 8.58 23.98 -36.17
N ARG A 290 8.35 23.67 -37.47
CA ARG A 290 7.53 24.53 -38.32
C ARG A 290 6.20 24.89 -37.68
N GLU A 291 5.68 24.03 -36.80
CA GLU A 291 4.37 24.19 -36.19
C GLU A 291 4.39 25.06 -34.94
N ILE A 292 5.56 25.54 -34.51
CA ILE A 292 5.65 26.42 -33.34
C ILE A 292 4.96 27.73 -33.71
N PRO A 293 3.98 28.18 -32.92
CA PRO A 293 3.28 29.43 -33.25
C PRO A 293 4.25 30.60 -33.33
N PRO A 294 4.11 31.46 -34.34
CA PRO A 294 5.08 32.55 -34.52
C PRO A 294 4.94 33.68 -33.51
N SER A 295 3.80 33.79 -32.83
CA SER A 295 3.55 34.75 -31.76
C SER A 295 4.06 34.30 -30.40
N CYS A 296 4.81 33.20 -30.35
CA CYS A 296 5.39 32.73 -29.10
C CYS A 296 6.67 33.51 -28.84
N ALA A 297 6.88 33.87 -27.58
CA ALA A 297 8.09 34.59 -27.20
C ALA A 297 9.32 33.75 -27.54
N PRO A 298 10.44 34.38 -27.87
CA PRO A 298 11.60 33.62 -28.39
C PRO A 298 12.05 32.46 -27.51
N LEU A 299 11.86 32.51 -26.19
CA LEU A 299 12.32 31.42 -25.32
C LEU A 299 11.33 30.27 -25.26
N THR A 300 10.03 30.53 -25.39
CA THR A 300 9.11 29.44 -25.66
C THR A 300 9.62 28.66 -26.87
N ALA A 301 9.80 29.35 -27.99
CA ALA A 301 10.15 28.68 -29.24
C ALA A 301 11.50 27.97 -29.15
N GLN A 302 12.48 28.59 -28.50
CA GLN A 302 13.78 27.93 -28.42
C GLN A 302 13.72 26.69 -27.55
N ALA A 303 12.87 26.69 -26.51
CA ALA A 303 12.75 25.54 -25.62
C ALA A 303 12.05 24.38 -26.30
N ILE A 304 10.96 24.66 -27.00
CA ILE A 304 10.30 23.64 -27.81
C ILE A 304 11.30 23.02 -28.77
N GLN A 305 12.21 23.84 -29.32
CA GLN A 305 13.18 23.34 -30.28
C GLN A 305 14.20 22.41 -29.61
N GLU A 306 14.60 22.72 -28.38
CA GLU A 306 15.64 21.93 -27.72
C GLU A 306 15.13 20.56 -27.29
N GLY A 307 13.90 20.49 -26.84
CA GLY A 307 13.27 19.20 -26.62
C GLY A 307 12.75 18.51 -27.86
N LEU A 308 13.00 19.03 -29.07
CA LEU A 308 12.63 18.36 -30.32
C LEU A 308 13.84 18.13 -31.23
N ARG A 309 14.97 17.73 -30.66
CA ARG A 309 16.14 17.42 -31.46
C ARG A 309 16.09 15.94 -31.78
N LYS A 310 16.20 15.60 -33.06
CA LYS A 310 15.96 14.22 -33.46
C LYS A 310 16.92 13.26 -32.79
N GLU A 311 18.12 13.73 -32.43
CA GLU A 311 19.07 12.85 -31.79
C GLU A 311 18.97 13.02 -30.28
N PRO A 312 18.63 11.99 -29.53
CA PRO A 312 18.49 12.12 -28.08
C PRO A 312 19.71 12.68 -27.40
N VAL A 313 20.89 12.57 -27.99
CA VAL A 313 22.05 13.16 -27.34
C VAL A 313 21.94 14.67 -27.34
N HIS A 314 21.53 15.25 -28.46
CA HIS A 314 21.40 16.70 -28.57
C HIS A 314 20.10 17.22 -27.97
N ARG A 315 19.15 16.33 -27.68
CA ARG A 315 17.89 16.76 -27.10
C ARG A 315 18.12 17.07 -25.64
N ALA A 316 17.34 18.02 -25.13
CA ALA A 316 17.46 18.43 -23.73
C ALA A 316 16.99 17.33 -22.80
N SER A 317 17.52 17.34 -21.59
CA SER A 317 17.02 16.45 -20.56
C SER A 317 15.77 17.02 -19.92
N ALA A 318 15.17 16.25 -19.01
CA ALA A 318 14.02 16.76 -18.25
C ALA A 318 14.39 17.97 -17.41
N MET A 319 15.54 17.93 -16.74
CA MET A 319 15.90 19.01 -15.83
C MET A 319 16.27 20.27 -16.59
N GLU A 320 16.91 20.11 -17.74
CA GLU A 320 17.29 21.29 -18.51
C GLU A 320 16.05 22.02 -19.00
N LEU A 321 15.07 21.28 -19.52
CA LEU A 321 13.94 21.89 -20.18
C LEU A 321 12.96 22.47 -19.18
N ARG A 322 12.89 21.89 -17.98
CA ARG A 322 12.05 22.46 -16.94
C ARG A 322 12.57 23.83 -16.52
N ARG A 323 13.87 23.90 -16.20
CA ARG A 323 14.52 25.19 -15.96
C ARG A 323 14.25 26.14 -17.10
N LYS A 324 14.54 25.71 -18.34
CA LYS A 324 14.37 26.58 -19.49
C LYS A 324 12.93 27.06 -19.63
N VAL A 325 11.97 26.22 -19.23
CA VAL A 325 10.57 26.57 -19.43
C VAL A 325 10.09 27.46 -18.30
N GLY A 326 10.56 27.19 -17.08
CA GLY A 326 10.25 28.10 -16.00
C GLY A 326 10.66 29.52 -16.30
N LYS A 327 11.80 29.71 -16.98
CA LYS A 327 12.19 31.07 -17.33
C LYS A 327 11.35 31.61 -18.48
N ALA A 328 11.07 30.77 -19.49
CA ALA A 328 10.17 31.21 -20.53
C ALA A 328 8.85 31.69 -19.95
N LEU A 329 8.37 31.04 -18.89
CA LEU A 329 7.14 31.48 -18.27
C LEU A 329 7.30 32.85 -17.63
N GLN A 330 8.44 33.10 -16.97
N GLN A 330 8.44 33.08 -16.95
CA GLN A 330 8.65 34.42 -16.38
CA GLN A 330 8.73 34.39 -16.37
C GLN A 330 8.82 35.50 -17.44
C GLN A 330 8.81 35.47 -17.44
N GLU A 331 9.37 35.14 -18.61
CA GLU A 331 9.57 36.13 -19.65
C GLU A 331 8.25 36.66 -20.21
N VAL A 332 7.20 35.87 -20.19
CA VAL A 332 5.91 36.34 -20.64
C VAL A 332 5.06 36.82 -19.45
N GLY A 333 5.70 37.12 -18.33
CA GLY A 333 5.00 37.76 -17.22
C GLY A 333 4.34 36.85 -16.21
N GLY A 334 4.85 35.63 -16.02
CA GLY A 334 4.20 34.67 -15.17
C GLY A 334 2.86 34.21 -15.74
N LEU A 335 2.15 33.43 -14.93
CA LEU A 335 0.84 32.89 -15.29
C LEU A 335 -0.23 33.91 -14.92
N LYS A 336 -0.98 34.37 -15.91
CA LYS A 336 -2.01 35.40 -15.71
C LYS A 336 -3.36 35.01 -16.30
N SER A 337 -3.40 34.11 -17.27
CA SER A 337 -4.65 33.78 -17.93
C SER A 337 -5.61 33.12 -16.95
N PRO A 338 -6.91 33.37 -17.06
CA PRO A 338 -7.85 32.62 -16.24
C PRO A 338 -7.80 31.17 -16.70
N TRP A 339 -7.95 30.25 -15.74
CA TRP A 339 -7.76 28.84 -16.05
C TRP A 339 -8.80 28.38 -17.07
N LYS A 340 -10.06 28.76 -16.89
CA LYS A 340 -11.05 28.59 -17.94
C LYS A 340 -11.48 29.97 -18.45
N GLY A 341 -10.55 30.60 -19.18
CA GLY A 341 -10.80 31.85 -19.85
C GLY A 341 -11.64 31.66 -21.09
N GLU A 342 -11.42 32.43 -22.14
CA GLU A 342 -12.29 32.39 -23.29
C GLU A 342 -11.70 31.53 -24.40
N TYR A 343 -12.60 31.01 -25.25
CA TYR A 343 -12.23 30.08 -26.31
C TYR A 343 -11.24 30.73 -27.27
N LYS A 344 -10.43 29.90 -27.92
CA LYS A 344 -9.43 30.38 -28.87
C LYS A 344 -9.38 29.46 -30.07
N GLU A 345 -9.58 30.01 -31.26
CA GLU A 345 -9.73 29.19 -32.45
C GLU A 345 -8.41 28.50 -32.77
N PRO A 346 -8.43 27.17 -33.01
CA PRO A 346 -7.19 26.43 -33.29
C PRO A 346 -6.59 26.71 -34.67
N ARG A 347 -5.62 25.90 -35.07
CA ARG A 347 -4.88 26.20 -36.28
C ARG A 347 -5.45 25.48 -37.51
N PRO B 6 -4.68 -41.88 24.75
CA PRO B 6 -5.48 -43.11 24.86
C PRO B 6 -6.99 -42.89 24.59
N VAL B 7 -7.70 -42.40 25.62
CA VAL B 7 -9.05 -41.85 25.50
C VAL B 7 -9.05 -40.51 24.76
N GLU B 8 -7.87 -39.96 24.48
CA GLU B 8 -7.75 -38.68 23.81
C GLU B 8 -8.50 -38.68 22.48
N GLU B 9 -8.31 -39.74 21.70
CA GLU B 9 -9.05 -39.90 20.46
C GLU B 9 -10.55 -39.90 20.74
N TYR B 10 -10.96 -40.43 21.88
CA TYR B 10 -12.40 -40.46 22.16
C TYR B 10 -12.94 -39.07 22.47
N LEU B 11 -12.13 -38.20 23.07
CA LEU B 11 -12.63 -36.89 23.50
C LEU B 11 -12.74 -35.92 22.34
N VAL B 12 -11.73 -35.92 21.47
CA VAL B 12 -11.80 -35.16 20.23
C VAL B 12 -13.08 -35.48 19.48
N HIS B 13 -13.41 -36.77 19.37
N HIS B 13 -13.42 -36.77 19.37
CA HIS B 13 -14.56 -37.18 18.57
CA HIS B 13 -14.56 -37.16 18.55
C HIS B 13 -15.85 -36.64 19.16
C HIS B 13 -15.87 -36.67 19.16
N ALA B 14 -15.92 -36.53 20.49
CA ALA B 14 -17.11 -36.00 21.15
C ALA B 14 -17.25 -34.50 20.96
N LEU B 15 -16.15 -33.80 20.68
CA LEU B 15 -16.18 -32.37 20.40
C LEU B 15 -16.61 -32.08 18.98
N GLN B 16 -16.23 -32.95 18.03
CA GLN B 16 -16.52 -32.75 16.61
C GLN B 16 -18.01 -32.82 16.35
N GLY B 17 -18.46 -31.99 15.40
CA GLY B 17 -19.80 -32.03 14.92
C GLY B 17 -20.78 -31.16 15.68
N SER B 18 -20.44 -30.74 16.88
CA SER B 18 -21.29 -29.83 17.63
C SER B 18 -20.49 -28.59 18.02
N VAL B 19 -21.21 -27.62 18.56
CA VAL B 19 -20.63 -26.42 19.16
C VAL B 19 -21.09 -26.44 20.60
N SER B 20 -20.16 -26.31 21.53
CA SER B 20 -20.51 -26.46 22.93
C SER B 20 -19.84 -25.39 23.77
N SER B 21 -20.49 -25.07 24.88
CA SER B 21 -19.87 -24.33 25.95
C SER B 21 -18.81 -25.19 26.61
N GLY B 22 -17.57 -24.72 26.59
CA GLY B 22 -16.46 -25.50 27.12
C GLY B 22 -15.32 -24.65 27.64
N GLN B 23 -14.13 -25.26 27.67
CA GLN B 23 -12.95 -24.67 28.26
C GLN B 23 -11.80 -24.75 27.28
N ALA B 24 -10.78 -23.96 27.57
CA ALA B 24 -9.72 -23.72 26.60
C ALA B 24 -9.12 -25.01 26.09
N HIS B 25 -9.02 -26.03 26.95
CA HIS B 25 -8.30 -27.25 26.57
C HIS B 25 -9.07 -28.05 25.54
N SER B 26 -10.40 -28.15 25.70
CA SER B 26 -11.26 -28.70 24.65
C SER B 26 -11.08 -27.95 23.32
N LEU B 27 -11.22 -26.61 23.35
CA LEU B 27 -10.99 -25.82 22.15
C LEU B 27 -9.70 -26.24 21.45
N ALA B 28 -8.61 -26.36 22.20
CA ALA B 28 -7.32 -26.69 21.59
C ALA B 28 -7.33 -28.09 20.96
N SER B 29 -7.98 -29.04 21.64
CA SER B 29 -8.13 -30.39 21.11
C SER B 29 -8.78 -30.38 19.74
N LEU B 30 -9.90 -29.64 19.62
CA LEU B 30 -10.67 -29.57 18.39
C LEU B 30 -9.92 -28.79 17.31
N ALA B 31 -9.21 -27.73 17.70
CA ALA B 31 -8.58 -26.86 16.71
C ALA B 31 -7.46 -27.58 15.99
N LYS B 32 -6.82 -28.55 16.65
CA LYS B 32 -5.79 -29.33 15.98
C LYS B 32 -6.37 -30.07 14.79
N THR B 33 -7.63 -30.51 14.86
CA THR B 33 -8.25 -31.20 13.72
C THR B 33 -8.60 -30.27 12.56
N TRP B 34 -8.48 -28.95 12.71
CA TRP B 34 -8.78 -28.04 11.61
C TRP B 34 -7.59 -27.80 10.67
N SER B 35 -6.53 -28.63 10.76
CA SER B 35 -5.43 -28.67 9.79
C SER B 35 -4.70 -27.35 9.64
N ASP B 50 -20.10 -30.04 9.95
CA ASP B 50 -20.22 -28.73 9.32
C ASP B 50 -19.88 -27.58 10.29
N ASN B 51 -20.79 -27.36 11.25
CA ASN B 51 -20.71 -26.30 12.24
C ASN B 51 -20.21 -26.92 13.56
N GLU B 52 -18.99 -26.55 13.99
CA GLU B 52 -18.41 -27.13 15.20
C GLU B 52 -17.44 -26.16 15.85
N GLY B 53 -17.41 -26.14 17.17
CA GLY B 53 -16.41 -25.35 17.88
C GLY B 53 -16.69 -25.37 19.36
N VAL B 54 -15.92 -24.55 20.09
CA VAL B 54 -16.04 -24.39 21.53
C VAL B 54 -16.08 -22.90 21.87
N LEU B 55 -17.03 -22.50 22.71
CA LEU B 55 -17.07 -21.14 23.23
C LEU B 55 -16.60 -21.14 24.69
N LEU B 56 -15.75 -20.14 25.03
CA LEU B 56 -15.13 -20.15 26.34
C LEU B 56 -15.80 -19.25 27.36
N THR B 57 -16.71 -18.35 26.95
CA THR B 57 -17.47 -17.51 27.87
C THR B 57 -18.97 -17.75 27.72
N GLU B 58 -19.67 -17.63 28.84
CA GLU B 58 -21.09 -17.92 28.84
C GLU B 58 -21.89 -16.82 28.14
N LYS B 59 -21.22 -15.80 27.59
CA LYS B 59 -21.87 -14.73 26.84
C LYS B 59 -22.03 -15.03 25.36
N LEU B 60 -21.39 -16.10 24.89
CA LEU B 60 -21.60 -16.62 23.54
C LEU B 60 -22.06 -18.05 23.76
N LYS B 61 -23.36 -18.29 23.56
CA LYS B 61 -24.03 -19.55 23.90
C LYS B 61 -24.49 -20.24 22.65
N PRO B 62 -24.13 -21.52 22.44
CA PRO B 62 -24.67 -22.27 21.32
C PRO B 62 -26.13 -22.61 21.57
N VAL B 63 -26.85 -22.87 20.48
CA VAL B 63 -28.27 -23.20 20.55
C VAL B 63 -28.46 -24.49 19.81
N ASP B 64 -28.91 -25.51 20.53
CA ASP B 64 -29.03 -26.87 20.03
C ASP B 64 -27.88 -27.25 19.13
N TYR B 65 -26.67 -27.32 19.69
CA TYR B 65 -25.47 -27.87 19.06
C TYR B 65 -24.89 -26.98 17.96
N GLU B 66 -25.46 -25.78 17.75
CA GLU B 66 -25.08 -24.92 16.63
C GLU B 66 -24.74 -23.48 17.05
N TYR B 67 -23.80 -22.85 16.31
CA TYR B 67 -23.49 -21.42 16.41
C TYR B 67 -23.22 -20.93 14.99
N ARG B 68 -24.28 -20.54 14.27
CA ARG B 68 -24.19 -20.22 12.85
C ARG B 68 -24.37 -18.72 12.63
N GLU B 69 -23.51 -18.16 11.78
CA GLU B 69 -23.53 -16.73 11.47
C GLU B 69 -24.86 -16.26 10.88
N GLU B 70 -25.32 -15.13 11.43
CA GLU B 70 -26.57 -14.46 11.15
C GLU B 70 -27.77 -15.25 11.64
N VAL B 71 -27.55 -16.36 12.32
CA VAL B 71 -28.65 -17.03 13.00
C VAL B 71 -28.62 -16.79 14.50
N HIS B 72 -27.55 -17.23 15.16
CA HIS B 72 -27.41 -16.95 16.59
C HIS B 72 -26.45 -15.80 16.90
N TRP B 73 -25.53 -15.50 15.98
CA TRP B 73 -24.71 -14.30 16.11
C TRP B 73 -24.79 -13.48 14.82
N MET B 74 -24.95 -12.17 14.98
CA MET B 74 -25.08 -11.22 13.85
C MET B 74 -24.01 -10.15 13.92
N THR B 75 -23.36 -9.89 12.80
CA THR B 75 -22.42 -8.80 12.73
C THR B 75 -23.16 -7.46 12.76
N HIS B 76 -22.41 -6.42 13.07
CA HIS B 76 -22.96 -5.07 13.14
C HIS B 76 -23.62 -4.68 11.82
N GLN B 77 -24.60 -3.74 11.94
CA GLN B 77 -25.67 -3.39 10.99
C GLN B 77 -25.20 -3.43 9.53
N PRO B 78 -24.52 -2.37 8.93
CA PRO B 78 -23.88 -2.64 7.64
C PRO B 78 -22.44 -3.08 7.88
N ARG B 79 -22.04 -4.16 7.23
CA ARG B 79 -20.77 -4.78 7.57
C ARG B 79 -19.60 -3.87 7.20
N VAL B 80 -18.88 -3.36 8.21
CA VAL B 80 -17.55 -2.81 8.01
C VAL B 80 -16.55 -3.71 8.76
N GLY B 81 -15.39 -3.90 8.16
CA GLY B 81 -14.32 -4.68 8.75
C GLY B 81 -13.09 -3.86 9.10
N ARG B 82 -12.27 -4.40 9.98
CA ARG B 82 -10.95 -3.85 10.23
C ARG B 82 -9.95 -4.99 10.03
N GLY B 83 -8.68 -4.66 10.09
CA GLY B 83 -7.68 -5.71 9.91
C GLY B 83 -7.24 -5.80 8.49
N SER B 84 -5.97 -6.19 8.29
CA SER B 84 -5.32 -6.27 6.99
C SER B 84 -6.24 -6.74 5.86
N PHE B 85 -7.22 -7.58 6.18
CA PHE B 85 -8.09 -8.16 5.18
C PHE B 85 -9.53 -7.73 5.35
N GLY B 86 -9.80 -6.78 6.23
CA GLY B 86 -11.18 -6.51 6.57
C GLY B 86 -11.87 -7.80 6.97
N GLU B 87 -11.24 -8.57 7.85
CA GLU B 87 -11.77 -9.83 8.31
C GLU B 87 -12.12 -9.79 9.79
N VAL B 88 -12.05 -8.63 10.43
CA VAL B 88 -12.43 -8.49 11.83
C VAL B 88 -13.65 -7.58 11.92
N HIS B 89 -14.72 -8.08 12.55
CA HIS B 89 -15.99 -7.41 12.63
C HIS B 89 -16.45 -7.40 14.07
N ARG B 90 -17.29 -6.42 14.40
CA ARG B 90 -18.02 -6.41 15.65
C ARG B 90 -19.33 -7.18 15.46
N MET B 91 -19.78 -7.84 16.52
CA MET B 91 -20.87 -8.80 16.45
C MET B 91 -21.64 -8.80 17.76
N LYS B 92 -22.80 -9.42 17.73
CA LYS B 92 -23.67 -9.53 18.90
C LYS B 92 -24.19 -10.96 18.95
N ASP B 93 -24.29 -11.49 20.16
CA ASP B 93 -25.00 -12.74 20.38
C ASP B 93 -26.48 -12.44 20.41
N LYS B 94 -27.26 -13.07 19.52
CA LYS B 94 -28.68 -12.75 19.44
C LYS B 94 -29.43 -13.11 20.72
N GLN B 95 -28.89 -14.02 21.54
CA GLN B 95 -29.61 -14.51 22.70
C GLN B 95 -29.30 -13.73 23.97
N THR B 96 -28.00 -13.49 24.21
CA THR B 96 -27.52 -12.75 25.36
C THR B 96 -27.29 -11.28 25.05
N GLY B 97 -27.31 -10.91 23.77
CA GLY B 97 -27.08 -9.52 23.39
C GLY B 97 -25.69 -9.00 23.65
N PHE B 98 -24.79 -9.84 24.16
CA PHE B 98 -23.42 -9.46 24.45
C PHE B 98 -22.68 -9.19 23.13
N GLN B 99 -21.74 -8.24 23.18
CA GLN B 99 -21.00 -7.77 22.01
C GLN B 99 -19.52 -8.15 22.06
N CYS B 100 -18.95 -8.49 20.91
CA CYS B 100 -17.52 -8.75 20.87
C CYS B 100 -16.99 -8.72 19.42
N ALA B 101 -15.73 -9.06 19.25
CA ALA B 101 -15.14 -9.08 17.93
C ALA B 101 -15.04 -10.51 17.40
N VAL B 102 -15.34 -10.69 16.14
CA VAL B 102 -15.08 -11.94 15.46
C VAL B 102 -14.04 -11.70 14.38
N LYS B 103 -13.06 -12.59 14.29
CA LYS B 103 -12.09 -12.60 13.21
C LYS B 103 -12.36 -13.80 12.34
N LYS B 104 -12.73 -13.57 11.10
CA LYS B 104 -12.91 -14.65 10.14
C LYS B 104 -11.57 -15.08 9.57
N VAL B 105 -11.42 -16.39 9.35
CA VAL B 105 -10.18 -17.00 8.85
C VAL B 105 -10.60 -18.04 7.84
N ARG B 106 -9.95 -18.05 6.68
CA ARG B 106 -10.25 -19.07 5.69
C ARG B 106 -9.73 -20.41 6.18
N LEU B 107 -10.61 -21.43 6.19
CA LEU B 107 -10.25 -22.70 6.81
C LEU B 107 -9.08 -23.39 6.10
N GLU B 108 -8.98 -23.25 4.78
CA GLU B 108 -7.92 -23.93 4.04
C GLU B 108 -6.53 -23.40 4.39
N VAL B 109 -6.44 -22.22 5.01
CA VAL B 109 -5.13 -21.67 5.36
C VAL B 109 -5.04 -21.43 6.86
N PHE B 110 -5.82 -22.19 7.62
CA PHE B 110 -5.84 -22.03 9.07
C PHE B 110 -4.62 -22.68 9.68
N ARG B 111 -3.98 -21.96 10.60
CA ARG B 111 -2.81 -22.42 11.33
C ARG B 111 -3.25 -22.74 12.75
N VAL B 112 -3.03 -23.98 13.18
CA VAL B 112 -3.50 -24.38 14.49
C VAL B 112 -2.90 -23.50 15.58
N GLU B 113 -1.66 -23.06 15.39
CA GLU B 113 -1.02 -22.26 16.42
C GLU B 113 -1.84 -21.03 16.77
N GLU B 114 -2.68 -20.54 15.83
CA GLU B 114 -3.45 -19.35 16.11
C GLU B 114 -4.43 -19.57 17.24
N LEU B 115 -4.82 -20.82 17.48
CA LEU B 115 -5.67 -21.10 18.62
C LEU B 115 -4.89 -21.77 19.75
N VAL B 116 -4.10 -22.79 19.43
CA VAL B 116 -3.42 -23.57 20.46
C VAL B 116 -2.49 -22.70 21.28
N ALA B 117 -1.74 -21.81 20.61
CA ALA B 117 -0.76 -20.96 21.25
C ALA B 117 -1.39 -19.72 21.87
N CYS B 118 -2.71 -19.65 21.94
CA CYS B 118 -3.33 -18.56 22.67
C CYS B 118 -4.51 -19.01 23.49
N ALA B 119 -4.96 -20.26 23.35
CA ALA B 119 -6.04 -20.82 24.17
C ALA B 119 -5.46 -21.20 25.53
N GLY B 120 -6.09 -20.72 26.59
CA GLY B 120 -5.52 -20.90 27.91
C GLY B 120 -4.74 -19.71 28.44
N LEU B 121 -4.03 -18.98 27.56
CA LEU B 121 -3.32 -17.77 27.94
C LEU B 121 -4.23 -16.79 28.67
N SER B 122 -3.65 -16.00 29.57
CA SER B 122 -4.40 -15.01 30.33
C SER B 122 -3.43 -14.00 30.92
N SER B 123 -3.47 -12.76 30.41
CA SER B 123 -2.56 -11.66 30.69
C SER B 123 -3.24 -10.38 30.26
N PRO B 124 -3.13 -9.28 31.01
CA PRO B 124 -3.78 -8.03 30.60
C PRO B 124 -3.19 -7.42 29.35
N ARG B 125 -2.05 -7.94 28.88
CA ARG B 125 -1.39 -7.42 27.70
C ARG B 125 -1.73 -8.20 26.45
N ILE B 126 -2.57 -9.22 26.59
CA ILE B 126 -3.03 -10.03 25.47
C ILE B 126 -4.56 -10.02 25.47
N VAL B 127 -5.17 -9.71 24.32
CA VAL B 127 -6.61 -9.68 24.10
C VAL B 127 -7.20 -11.03 24.53
N PRO B 128 -8.30 -11.07 25.27
CA PRO B 128 -8.88 -12.37 25.69
C PRO B 128 -9.55 -13.10 24.54
N LEU B 129 -9.29 -14.41 24.46
CA LEU B 129 -9.92 -15.24 23.46
C LEU B 129 -11.26 -15.80 23.98
N TYR B 130 -12.31 -15.62 23.20
CA TYR B 130 -13.66 -15.96 23.62
C TYR B 130 -14.17 -17.31 23.12
N GLY B 131 -13.55 -17.86 22.10
CA GLY B 131 -14.04 -19.08 21.49
C GLY B 131 -13.61 -19.12 20.04
N ALA B 132 -14.06 -20.16 19.36
CA ALA B 132 -13.83 -20.28 17.92
C ALA B 132 -14.80 -21.32 17.37
N VAL B 133 -15.54 -20.93 16.34
CA VAL B 133 -16.49 -21.85 15.70
C VAL B 133 -16.20 -21.94 14.20
N ARG B 134 -16.00 -23.16 13.72
CA ARG B 134 -15.89 -23.43 12.29
C ARG B 134 -17.27 -23.59 11.64
N GLU B 135 -17.40 -23.05 10.42
CA GLU B 135 -18.67 -23.04 9.68
C GLU B 135 -18.29 -23.07 8.20
N GLY B 136 -18.36 -24.25 7.61
CA GLY B 136 -18.01 -24.40 6.22
C GLY B 136 -16.59 -23.99 5.97
N PRO B 137 -16.39 -23.01 5.09
CA PRO B 137 -15.03 -22.53 4.80
C PRO B 137 -14.49 -21.51 5.80
N TRP B 138 -15.21 -21.20 6.87
CA TRP B 138 -14.76 -20.19 7.81
C TRP B 138 -14.42 -20.82 9.15
N VAL B 139 -13.32 -20.34 9.73
CA VAL B 139 -13.03 -20.43 11.15
C VAL B 139 -13.26 -19.03 11.72
N ASN B 140 -14.21 -18.90 12.63
CA ASN B 140 -14.55 -17.63 13.24
C ASN B 140 -13.96 -17.60 14.64
N ILE B 141 -12.97 -16.75 14.86
CA ILE B 141 -12.42 -16.56 16.19
C ILE B 141 -13.09 -15.36 16.88
N PHE B 142 -13.68 -15.61 18.03
CA PHE B 142 -14.31 -14.58 18.83
C PHE B 142 -13.34 -14.12 19.93
N MET B 143 -13.30 -12.80 20.15
CA MET B 143 -12.47 -12.22 21.19
C MET B 143 -13.15 -10.99 21.76
N GLU B 144 -12.58 -10.50 22.87
CA GLU B 144 -13.03 -9.25 23.45
C GLU B 144 -12.90 -8.13 22.44
N LEU B 145 -13.84 -7.17 22.54
CA LEU B 145 -13.85 -5.98 21.70
C LEU B 145 -13.23 -4.84 22.48
N LEU B 146 -12.05 -4.38 22.03
CA LEU B 146 -11.38 -3.25 22.63
C LEU B 146 -11.77 -1.99 21.87
N GLU B 147 -12.37 -1.03 22.59
CA GLU B 147 -13.08 0.06 21.92
C GLU B 147 -12.12 1.09 21.32
N GLY B 148 -11.03 1.41 22.02
CA GLY B 148 -10.02 2.31 21.51
C GLY B 148 -9.34 1.93 20.20
N GLY B 149 -9.63 0.77 19.66
CA GLY B 149 -9.12 0.42 18.33
C GLY B 149 -7.65 0.08 18.32
N SER B 150 -7.07 0.15 17.14
CA SER B 150 -5.71 -0.33 16.96
C SER B 150 -4.71 0.82 16.97
N LEU B 151 -3.49 0.49 17.40
CA LEU B 151 -2.40 1.43 17.50
C LEU B 151 -1.96 1.95 16.14
N GLY B 152 -2.16 1.17 15.09
CA GLY B 152 -1.86 1.63 13.74
C GLY B 152 -2.89 2.59 13.16
N GLN B 153 -4.11 2.53 13.70
CA GLN B 153 -5.13 3.54 13.42
C GLN B 153 -4.80 4.83 14.15
N LEU B 154 -4.36 4.74 15.41
CA LEU B 154 -3.88 5.90 16.16
C LEU B 154 -2.76 6.63 15.42
N ILE B 155 -1.78 5.90 14.93
CA ILE B 155 -0.71 6.51 14.15
C ILE B 155 -1.29 7.20 12.92
N LYS B 156 -2.30 6.60 12.29
CA LYS B 156 -2.91 7.22 11.11
C LYS B 156 -3.71 8.45 11.51
N GLN B 157 -4.51 8.33 12.56
CA GLN B 157 -5.22 9.47 13.08
C GLN B 157 -4.27 10.59 13.48
N MET B 158 -3.12 10.22 14.06
CA MET B 158 -2.23 11.21 14.68
C MET B 158 -1.04 11.60 13.81
N GLY B 159 -0.96 11.11 12.58
CA GLY B 159 0.25 11.32 11.82
C GLY B 159 1.41 10.54 12.41
N CYS B 160 1.71 10.77 13.69
CA CYS B 160 2.73 10.06 14.45
C CYS B 160 2.60 10.48 15.91
N LEU B 161 3.24 9.70 16.82
CA LEU B 161 2.99 9.76 18.26
C LEU B 161 4.14 10.44 19.00
N PRO B 162 3.82 11.22 20.04
CA PRO B 162 4.88 11.77 20.89
C PRO B 162 5.77 10.69 21.48
N GLU B 163 6.99 11.11 21.84
CA GLU B 163 8.01 10.18 22.32
C GLU B 163 7.58 9.47 23.60
N ASP B 164 6.98 10.18 24.54
CA ASP B 164 6.60 9.50 25.78
C ASP B 164 5.51 8.45 25.54
N ARG B 165 4.44 8.81 24.83
CA ARG B 165 3.36 7.86 24.55
C ARG B 165 3.91 6.64 23.82
N ALA B 166 4.77 6.88 22.83
CA ALA B 166 5.40 5.81 22.06
C ALA B 166 6.11 4.79 22.96
N LEU B 167 7.00 5.25 23.85
CA LEU B 167 7.66 4.34 24.76
C LEU B 167 6.67 3.68 25.71
N TYR B 168 5.65 4.42 26.15
CA TYR B 168 4.63 3.86 27.05
C TYR B 168 3.97 2.64 26.42
N TYR B 169 3.63 2.74 25.14
CA TYR B 169 3.02 1.61 24.43
C TYR B 169 4.03 0.49 24.21
N LEU B 170 5.18 0.81 23.58
CA LEU B 170 6.26 -0.16 23.43
C LEU B 170 6.54 -0.90 24.71
N GLY B 171 6.39 -0.22 25.84
CA GLY B 171 6.63 -0.89 27.10
C GLY B 171 5.56 -1.89 27.41
N GLN B 172 4.33 -1.60 27.00
CA GLN B 172 3.25 -2.55 27.25
C GLN B 172 3.26 -3.68 26.24
N ALA B 173 3.65 -3.42 25.00
CA ALA B 173 3.83 -4.53 24.07
C ALA B 173 4.92 -5.48 24.56
N LEU B 174 6.06 -4.96 25.02
CA LEU B 174 7.09 -5.83 25.55
C LEU B 174 6.60 -6.62 26.77
N GLU B 175 5.72 -6.02 27.57
CA GLU B 175 5.21 -6.73 28.74
C GLU B 175 4.40 -7.97 28.35
N GLY B 176 3.65 -7.89 27.24
CA GLY B 176 2.99 -9.08 26.72
C GLY B 176 3.92 -9.99 25.96
N LEU B 177 4.94 -9.42 25.31
CA LEU B 177 5.96 -10.27 24.71
C LEU B 177 6.71 -11.04 25.79
N GLU B 178 6.78 -10.49 27.01
CA GLU B 178 7.34 -11.22 28.15
C GLU B 178 6.55 -12.48 28.40
N TYR B 179 5.25 -12.30 28.65
CA TYR B 179 4.32 -13.41 28.89
C TYR B 179 4.43 -14.50 27.82
N LEU B 180 4.47 -14.11 26.55
CA LEU B 180 4.52 -15.12 25.49
C LEU B 180 5.88 -15.82 25.44
N HIS B 181 6.96 -15.08 25.65
CA HIS B 181 8.27 -15.68 25.46
C HIS B 181 8.62 -16.62 26.60
N THR B 182 8.26 -16.29 27.84
CA THR B 182 8.56 -17.25 28.90
C THR B 182 7.75 -18.53 28.75
N ARG B 183 6.71 -18.52 27.90
CA ARG B 183 5.96 -19.71 27.56
C ARG B 183 6.37 -20.32 26.22
N ARG B 184 7.47 -19.83 25.66
CA ARG B 184 8.00 -20.31 24.38
C ARG B 184 6.97 -20.16 23.25
N ILE B 185 6.27 -19.03 23.23
CA ILE B 185 5.40 -18.65 22.12
C ILE B 185 5.99 -17.44 21.41
N LEU B 186 6.18 -17.59 20.13
CA LEU B 186 6.59 -16.50 19.26
C LEU B 186 5.36 -15.85 18.63
N HIS B 187 5.20 -14.53 18.76
CA HIS B 187 4.04 -13.86 18.16
C HIS B 187 4.14 -13.82 16.63
N GLY B 188 5.27 -13.40 16.09
CA GLY B 188 5.52 -13.58 14.68
C GLY B 188 5.09 -12.43 13.80
N ASP B 189 4.23 -11.54 14.30
CA ASP B 189 3.79 -10.39 13.54
C ASP B 189 3.49 -9.23 14.47
N VAL B 190 4.44 -8.89 15.34
CA VAL B 190 4.28 -7.73 16.18
C VAL B 190 4.32 -6.48 15.32
N LYS B 191 3.31 -5.63 15.49
CA LYS B 191 3.21 -4.41 14.69
C LYS B 191 2.10 -3.55 15.29
N ALA B 192 2.07 -2.29 14.85
CA ALA B 192 1.06 -1.35 15.34
C ALA B 192 -0.34 -1.91 15.14
N ASP B 193 -0.61 -2.41 13.93
CA ASP B 193 -1.95 -2.91 13.62
C ASP B 193 -2.40 -4.01 14.57
N ASN B 194 -1.48 -4.75 15.18
CA ASN B 194 -1.82 -5.85 16.08
C ASN B 194 -1.76 -5.45 17.55
N VAL B 195 -1.84 -4.17 17.86
CA VAL B 195 -1.92 -3.75 19.25
C VAL B 195 -3.25 -3.01 19.42
N LEU B 196 -4.09 -3.49 20.33
CA LEU B 196 -5.40 -2.87 20.56
C LEU B 196 -5.41 -2.12 21.89
N LEU B 197 -5.87 -0.88 21.85
CA LEU B 197 -5.94 0.03 22.99
C LEU B 197 -7.29 -0.06 23.65
N SER B 198 -7.35 0.32 24.92
CA SER B 198 -8.61 0.34 25.65
C SER B 198 -9.39 1.58 25.25
N SER B 199 -10.50 1.83 25.96
CA SER B 199 -11.35 2.97 25.62
C SER B 199 -10.63 4.29 25.85
N ASP B 200 -9.92 4.42 26.99
CA ASP B 200 -9.22 5.67 27.31
C ASP B 200 -7.85 5.81 26.64
N GLY B 201 -7.34 4.78 26.01
CA GLY B 201 -5.99 4.80 25.50
C GLY B 201 -4.91 4.37 26.48
N SER B 202 -5.25 4.05 27.73
CA SER B 202 -4.21 3.77 28.70
C SER B 202 -3.65 2.36 28.61
N ARG B 203 -4.43 1.40 28.12
CA ARG B 203 -4.05 0.00 28.21
C ARG B 203 -3.92 -0.59 26.80
N ALA B 204 -2.77 -1.17 26.49
CA ALA B 204 -2.47 -1.76 25.19
C ALA B 204 -2.34 -3.27 25.31
N ALA B 205 -2.94 -4.00 24.37
CA ALA B 205 -2.97 -5.45 24.39
C ALA B 205 -2.71 -5.99 23.00
N LEU B 206 -1.98 -7.11 22.93
CA LEU B 206 -1.64 -7.74 21.66
C LEU B 206 -2.72 -8.70 21.19
N CYS B 207 -2.99 -8.68 19.89
CA CYS B 207 -3.92 -9.59 19.23
C CYS B 207 -3.24 -10.14 17.98
N ASP B 208 -3.92 -11.10 17.32
CA ASP B 208 -3.53 -11.82 16.09
C ASP B 208 -2.37 -12.81 16.23
N PHE B 209 -2.70 -14.08 16.45
CA PHE B 209 -1.72 -15.14 16.56
C PHE B 209 -1.61 -15.96 15.28
N GLY B 210 -2.13 -15.45 14.18
CA GLY B 210 -2.07 -16.19 12.94
C GLY B 210 -0.67 -16.51 12.49
N HIS B 211 0.32 -15.76 12.95
CA HIS B 211 1.71 -16.05 12.67
C HIS B 211 2.42 -16.58 13.91
N ALA B 212 1.68 -17.00 14.93
CA ALA B 212 2.32 -17.51 16.13
C ALA B 212 3.02 -18.83 15.87
N LEU B 213 4.06 -19.08 16.65
CA LEU B 213 4.83 -20.31 16.56
C LEU B 213 5.21 -20.76 17.96
N CYS B 214 5.17 -22.08 18.21
CA CYS B 214 5.65 -22.66 19.47
C CYS B 214 7.14 -22.95 19.38
N LEU B 215 7.91 -22.33 20.25
CA LEU B 215 9.36 -22.47 20.26
C LEU B 215 9.81 -23.75 20.95
N GLN B 216 11.01 -24.19 20.60
CA GLN B 216 11.52 -25.48 21.08
C GLN B 216 11.50 -25.52 22.61
N PRO B 217 11.11 -26.66 23.24
CA PRO B 217 10.98 -26.73 24.70
C PRO B 217 12.05 -26.02 25.54
N ASP B 218 13.22 -25.79 24.94
CA ASP B 218 14.29 -25.01 25.56
C ASP B 218 14.35 -23.55 25.06
N GLY B 219 13.60 -23.23 24.01
CA GLY B 219 13.61 -21.92 23.40
C GLY B 219 14.55 -21.75 22.23
N LEU B 220 14.91 -22.84 21.55
CA LEU B 220 16.03 -22.84 20.61
C LEU B 220 15.62 -22.26 19.24
N GLY B 221 16.63 -21.77 18.53
CA GLY B 221 16.45 -21.20 17.21
C GLY B 221 15.79 -22.14 16.22
N LYS B 222 14.54 -21.84 15.86
CA LYS B 222 13.78 -22.64 14.91
C LYS B 222 13.95 -22.08 13.50
N SER B 223 14.17 -22.98 12.54
CA SER B 223 14.08 -22.61 11.14
C SER B 223 12.63 -22.24 10.85
N LEU B 224 12.40 -20.99 10.44
CA LEU B 224 11.03 -20.53 10.30
C LEU B 224 10.40 -20.99 9.00
N LEU B 225 11.17 -20.96 7.91
CA LEU B 225 10.62 -21.02 6.55
C LEU B 225 10.34 -22.46 6.08
N THR B 226 9.51 -23.16 6.85
CA THR B 226 8.98 -24.45 6.41
C THR B 226 7.68 -24.73 7.13
N GLY B 227 6.79 -25.47 6.45
CA GLY B 227 5.57 -25.93 7.07
C GLY B 227 4.32 -25.17 6.67
N ASP B 228 3.39 -25.02 7.63
CA ASP B 228 2.19 -24.21 7.47
C ASP B 228 2.47 -22.71 7.64
N TYR B 229 3.74 -22.34 7.84
CA TYR B 229 4.13 -20.99 8.25
C TYR B 229 3.70 -19.93 7.25
N ILE B 230 3.04 -18.90 7.77
CA ILE B 230 2.66 -17.68 7.07
C ILE B 230 3.58 -16.57 7.55
N PRO B 231 4.33 -15.88 6.67
CA PRO B 231 5.25 -14.83 7.13
C PRO B 231 4.51 -13.61 7.66
N GLY B 232 5.22 -12.81 8.47
CA GLY B 232 4.68 -11.60 9.04
C GLY B 232 5.00 -10.37 8.19
N THR B 233 4.55 -9.21 8.67
CA THR B 233 4.76 -7.95 7.96
C THR B 233 6.22 -7.76 7.56
N GLU B 234 6.44 -7.57 6.26
CA GLU B 234 7.78 -7.59 5.70
C GLU B 234 8.65 -6.43 6.21
N THR B 235 8.08 -5.25 6.39
CA THR B 235 8.89 -4.14 6.87
C THR B 235 9.40 -4.39 8.28
N HIS B 236 8.73 -5.26 9.04
CA HIS B 236 9.10 -5.55 10.42
C HIS B 236 9.86 -6.87 10.56
N MET B 237 10.33 -7.45 9.45
CA MET B 237 11.03 -8.73 9.48
C MET B 237 12.46 -8.59 9.98
N ALA B 238 12.83 -9.44 10.93
CA ALA B 238 14.21 -9.50 11.42
C ALA B 238 15.13 -10.09 10.35
N PRO B 239 16.41 -9.72 10.35
CA PRO B 239 17.30 -10.23 9.30
C PRO B 239 17.41 -11.74 9.30
N GLU B 240 17.33 -12.38 10.48
CA GLU B 240 17.41 -13.83 10.50
C GLU B 240 16.19 -14.47 9.84
N VAL B 241 15.01 -13.84 9.97
CA VAL B 241 13.83 -14.34 9.28
C VAL B 241 14.05 -14.35 7.77
N VAL B 242 14.41 -13.21 7.20
CA VAL B 242 14.53 -13.13 5.75
C VAL B 242 15.60 -14.09 5.25
N MET B 243 16.79 -14.07 5.87
CA MET B 243 17.92 -14.89 5.47
C MET B 243 17.73 -16.36 5.76
N GLY B 244 16.61 -16.74 6.36
CA GLY B 244 16.25 -18.12 6.56
C GLY B 244 16.68 -18.71 7.88
N LYS B 245 17.73 -18.14 8.51
CA LYS B 245 18.45 -18.61 9.70
C LYS B 245 17.51 -19.05 10.82
N PRO B 246 18.00 -19.71 11.86
CA PRO B 246 17.09 -20.14 12.93
C PRO B 246 16.61 -18.94 13.71
N CYS B 247 15.32 -18.97 14.06
CA CYS B 247 14.62 -17.80 14.54
C CYS B 247 14.11 -18.08 15.95
N ASP B 248 14.36 -17.15 16.88
CA ASP B 248 13.80 -17.33 18.22
C ASP B 248 13.01 -16.09 18.62
N ALA B 249 12.58 -16.02 19.89
CA ALA B 249 11.73 -14.92 20.36
C ALA B 249 12.38 -13.55 20.18
N LYS B 250 13.62 -13.51 19.69
CA LYS B 250 14.22 -12.23 19.38
C LYS B 250 13.76 -11.67 18.03
N VAL B 251 13.04 -12.42 17.19
CA VAL B 251 12.43 -11.78 16.02
C VAL B 251 11.32 -10.85 16.46
N ASP B 252 10.63 -11.20 17.53
CA ASP B 252 9.60 -10.30 18.02
C ASP B 252 10.21 -9.00 18.46
N ILE B 253 11.38 -9.05 19.07
CA ILE B 253 11.98 -7.84 19.61
C ILE B 253 12.32 -6.89 18.48
N TRP B 254 12.85 -7.43 17.39
CA TRP B 254 13.10 -6.62 16.21
C TRP B 254 11.82 -6.00 15.68
N SER B 255 10.74 -6.77 15.67
CA SER B 255 9.48 -6.24 15.18
C SER B 255 8.95 -5.17 16.11
N SER B 256 9.03 -5.41 17.41
CA SER B 256 8.57 -4.42 18.36
C SER B 256 9.31 -3.10 18.20
N CYS B 257 10.48 -3.10 17.56
CA CYS B 257 11.24 -1.86 17.45
C CYS B 257 11.01 -1.16 16.15
N CYS B 258 10.82 -1.92 15.08
CA CYS B 258 10.24 -1.40 13.85
C CYS B 258 8.91 -0.72 14.11
N MET B 259 8.08 -1.34 14.96
CA MET B 259 6.87 -0.69 15.44
C MET B 259 7.20 0.66 16.07
N MET B 260 8.19 0.70 16.96
CA MET B 260 8.54 1.97 17.61
C MET B 260 8.91 3.04 16.59
N LEU B 261 9.68 2.67 15.55
CA LEU B 261 9.98 3.60 14.48
C LEU B 261 8.72 4.04 13.77
N HIS B 262 7.76 3.14 13.64
CA HIS B 262 6.46 3.50 13.08
C HIS B 262 5.73 4.46 14.01
N MET B 263 5.73 4.18 15.31
CA MET B 263 5.10 5.11 16.23
C MET B 263 5.72 6.50 16.10
N LEU B 264 7.02 6.56 15.80
CA LEU B 264 7.79 7.80 15.93
C LEU B 264 7.91 8.57 14.62
N ASN B 265 7.87 7.90 13.48
CA ASN B 265 8.00 8.58 12.19
C ASN B 265 6.71 8.59 11.39
N GLY B 266 5.62 8.06 11.95
CA GLY B 266 4.40 7.91 11.20
C GLY B 266 4.48 6.98 10.01
N CYS B 267 5.58 6.24 9.84
CA CYS B 267 5.63 5.32 8.72
C CYS B 267 6.60 4.19 9.04
N HIS B 268 6.46 3.11 8.28
CA HIS B 268 7.28 1.93 8.50
C HIS B 268 8.74 2.23 8.14
N PRO B 269 9.68 1.51 8.76
CA PRO B 269 11.07 1.59 8.29
C PRO B 269 11.15 1.08 6.86
N TRP B 270 12.28 1.38 6.21
CA TRP B 270 12.61 0.85 4.89
C TRP B 270 11.77 1.40 3.74
N THR B 271 10.62 2.02 4.03
CA THR B 271 9.73 2.45 2.95
C THR B 271 10.30 3.65 2.23
N GLN B 272 10.81 4.62 3.00
CA GLN B 272 11.40 5.82 2.44
C GLN B 272 12.48 5.47 1.44
N TYR B 273 13.59 4.93 1.93
CA TYR B 273 14.85 4.94 1.21
C TYR B 273 14.86 3.96 0.04
N PHE B 274 14.52 2.70 0.29
CA PHE B 274 14.72 1.63 -0.68
C PHE B 274 13.38 1.28 -1.32
N ARG B 275 13.38 1.22 -2.65
CA ARG B 275 12.15 1.05 -3.44
C ARG B 275 12.29 -0.20 -4.31
N GLY B 276 12.24 -1.37 -3.67
CA GLY B 276 12.34 -2.65 -4.32
C GLY B 276 11.97 -3.76 -3.36
N PRO B 277 12.30 -5.04 -3.70
CA PRO B 277 12.04 -6.14 -2.74
C PRO B 277 12.71 -5.89 -1.39
N LEU B 278 11.91 -5.48 -0.41
CA LEU B 278 12.45 -4.91 0.82
C LEU B 278 13.34 -5.89 1.57
N CYS B 279 12.99 -7.18 1.54
CA CYS B 279 13.69 -8.15 2.36
C CYS B 279 15.18 -8.16 2.03
N LEU B 280 15.53 -8.30 0.75
CA LEU B 280 16.93 -8.30 0.35
C LEU B 280 17.70 -7.12 0.93
N LYS B 281 17.03 -5.98 1.16
CA LYS B 281 17.69 -4.84 1.80
C LYS B 281 17.83 -5.08 3.30
N ILE B 282 16.83 -5.72 3.91
CA ILE B 282 16.87 -5.95 5.35
C ILE B 282 18.06 -6.83 5.71
N ALA B 283 18.39 -7.79 4.86
CA ALA B 283 19.49 -8.69 5.16
C ALA B 283 20.85 -8.08 4.86
N SER B 284 20.93 -7.20 3.86
CA SER B 284 22.21 -6.67 3.39
C SER B 284 22.60 -5.36 4.04
N GLU B 285 21.64 -4.47 4.29
CA GLU B 285 21.94 -3.14 4.78
C GLU B 285 22.10 -3.16 6.29
N PRO B 286 22.58 -2.07 6.88
CA PRO B 286 22.64 -1.97 8.33
C PRO B 286 21.24 -1.79 8.92
N PRO B 287 21.05 -2.14 10.19
CA PRO B 287 19.76 -1.93 10.85
C PRO B 287 19.32 -0.47 10.77
N PRO B 288 18.04 -0.25 10.63
CA PRO B 288 17.50 1.09 10.35
C PRO B 288 17.52 2.04 11.55
N ILE B 289 18.66 2.07 12.27
CA ILE B 289 18.79 2.99 13.39
C ILE B 289 18.82 4.42 12.90
N ARG B 290 19.28 4.65 11.66
CA ARG B 290 19.30 5.99 11.09
C ARG B 290 17.91 6.62 11.03
N GLU B 291 16.85 5.81 11.02
CA GLU B 291 15.48 6.31 11.05
C GLU B 291 15.04 6.74 12.44
N ILE B 292 15.88 6.62 13.46
CA ILE B 292 15.52 7.15 14.79
C ILE B 292 15.48 8.67 14.73
N PRO B 293 14.45 9.34 15.25
CA PRO B 293 14.47 10.80 15.29
C PRO B 293 15.56 11.30 16.21
N PRO B 294 16.15 12.48 15.92
CA PRO B 294 17.24 12.98 16.77
C PRO B 294 16.70 13.82 17.92
N SER B 295 15.44 14.23 17.78
CA SER B 295 14.74 14.82 18.91
C SER B 295 14.67 13.89 20.10
N CYS B 296 14.82 12.59 19.87
CA CYS B 296 14.62 11.60 20.91
C CYS B 296 15.74 11.60 21.92
N ALA B 297 15.39 11.36 23.18
CA ALA B 297 16.35 11.22 24.27
C ALA B 297 17.47 10.28 23.84
N PRO B 298 18.64 10.32 24.47
CA PRO B 298 19.63 9.27 24.16
C PRO B 298 19.22 7.92 24.70
N LEU B 299 18.59 7.89 25.89
CA LEU B 299 18.17 6.62 26.47
C LEU B 299 17.12 5.92 25.60
N THR B 300 16.26 6.70 24.94
CA THR B 300 15.32 6.13 23.97
C THR B 300 16.05 5.54 22.76
N ALA B 301 16.92 6.33 22.12
CA ALA B 301 17.63 5.86 20.94
C ALA B 301 18.46 4.61 21.22
N GLN B 302 19.03 4.49 22.43
CA GLN B 302 19.82 3.31 22.72
C GLN B 302 18.93 2.08 22.78
N ALA B 303 17.76 2.22 23.40
CA ALA B 303 16.77 1.14 23.43
C ALA B 303 16.45 0.63 22.03
N ILE B 304 16.11 1.54 21.12
CA ILE B 304 15.81 1.15 19.75
C ILE B 304 17.01 0.46 19.12
N GLN B 305 18.22 0.96 19.40
CA GLN B 305 19.43 0.36 18.84
C GLN B 305 19.65 -1.04 19.41
N GLU B 306 19.21 -1.28 20.64
CA GLU B 306 19.41 -2.58 21.26
C GLU B 306 18.37 -3.58 20.81
N GLY B 307 17.14 -3.14 20.61
CA GLY B 307 16.17 -4.00 20.01
C GLY B 307 16.39 -4.26 18.55
N LEU B 308 17.37 -3.59 17.91
CA LEU B 308 17.52 -3.63 16.45
C LEU B 308 18.88 -4.19 16.01
N ARG B 309 19.49 -5.03 16.85
CA ARG B 309 20.77 -5.67 16.54
C ARG B 309 20.63 -6.80 15.53
N LYS B 310 21.47 -6.80 14.50
CA LYS B 310 21.26 -7.74 13.40
C LYS B 310 21.47 -9.19 13.82
N GLU B 311 22.24 -9.44 14.87
CA GLU B 311 22.49 -10.79 15.34
C GLU B 311 21.61 -11.06 16.55
N PRO B 312 20.75 -12.08 16.51
CA PRO B 312 19.77 -12.24 17.59
C PRO B 312 20.39 -12.39 18.97
N VAL B 313 21.66 -12.80 19.06
CA VAL B 313 22.28 -12.94 20.38
C VAL B 313 22.69 -11.61 20.99
N HIS B 314 22.92 -10.58 20.17
CA HIS B 314 23.20 -9.24 20.69
C HIS B 314 21.92 -8.44 20.91
N ARG B 315 20.80 -8.93 20.39
CA ARG B 315 19.51 -8.28 20.54
C ARG B 315 18.96 -8.53 21.93
N ALA B 316 18.44 -7.47 22.55
CA ALA B 316 17.86 -7.59 23.86
C ALA B 316 16.71 -8.58 23.84
N SER B 317 16.46 -9.20 24.98
CA SER B 317 15.24 -9.97 25.14
C SER B 317 14.09 -8.99 25.45
N ALA B 318 12.88 -9.53 25.59
CA ALA B 318 11.75 -8.69 25.95
C ALA B 318 11.90 -8.14 27.36
N MET B 319 12.19 -9.01 28.34
CA MET B 319 12.52 -8.58 29.69
C MET B 319 13.65 -7.55 29.69
N GLU B 320 14.71 -7.85 28.95
CA GLU B 320 15.84 -6.95 28.86
C GLU B 320 15.41 -5.59 28.38
N LEU B 321 14.67 -5.53 27.26
CA LEU B 321 14.38 -4.25 26.62
C LEU B 321 13.24 -3.50 27.31
N ARG B 322 12.25 -4.20 27.88
CA ARG B 322 11.20 -3.52 28.62
C ARG B 322 11.78 -2.75 29.81
N ARG B 323 12.86 -3.26 30.40
CA ARG B 323 13.52 -2.57 31.50
C ARG B 323 14.14 -1.26 31.02
N LYS B 324 14.88 -1.32 29.91
CA LYS B 324 15.47 -0.10 29.36
C LYS B 324 14.38 0.89 28.96
N VAL B 325 13.32 0.40 28.34
CA VAL B 325 12.27 1.29 27.83
C VAL B 325 11.56 2.00 28.99
N GLY B 326 11.44 1.34 30.14
CA GLY B 326 10.83 2.02 31.29
C GLY B 326 11.68 3.18 31.78
N LYS B 327 12.99 2.96 31.88
CA LYS B 327 13.88 4.03 32.28
C LYS B 327 14.04 5.08 31.19
N ALA B 328 13.95 4.69 29.91
CA ALA B 328 13.95 5.69 28.84
C ALA B 328 12.69 6.52 28.83
N LEU B 329 11.62 6.01 29.43
CA LEU B 329 10.43 6.80 29.73
C LEU B 329 10.66 7.70 30.94
N GLN B 330 11.35 7.18 31.96
CA GLN B 330 11.78 7.99 33.10
C GLN B 330 12.37 9.33 32.66
N GLU B 331 13.45 9.27 31.87
CA GLU B 331 14.21 10.47 31.51
C GLU B 331 13.38 11.48 30.72
N VAL B 332 12.43 11.03 29.90
CA VAL B 332 11.55 11.99 29.23
C VAL B 332 10.39 12.43 30.11
N GLY B 333 10.30 11.93 31.34
CA GLY B 333 9.35 12.44 32.29
C GLY B 333 8.05 11.69 32.46
N GLY B 334 7.98 10.42 32.10
CA GLY B 334 6.76 9.65 32.27
C GLY B 334 5.68 10.07 31.28
N LEU B 335 4.52 9.42 31.39
CA LEU B 335 3.42 9.68 30.48
C LEU B 335 2.74 10.98 30.88
N LYS B 336 3.05 12.05 30.14
CA LYS B 336 2.37 13.33 30.24
C LYS B 336 1.30 13.49 29.19
N SER B 337 1.66 13.28 27.93
CA SER B 337 0.86 13.58 26.74
C SER B 337 -0.60 13.18 26.90
N PRO B 338 -1.50 13.86 26.19
CA PRO B 338 -2.90 13.46 26.22
C PRO B 338 -3.15 12.39 25.18
N TRP B 339 -4.15 11.55 25.46
CA TRP B 339 -4.56 10.59 24.46
C TRP B 339 -5.35 11.30 23.38
N LYS B 340 -5.05 10.94 22.13
CA LYS B 340 -5.57 11.57 20.91
C LYS B 340 -4.87 12.90 20.62
N GLY B 341 -4.64 13.71 21.65
CA GLY B 341 -3.71 14.84 21.56
C GLY B 341 -3.90 15.78 20.38
N GLU B 342 -2.79 16.24 19.81
CA GLU B 342 -2.81 17.10 18.64
C GLU B 342 -1.94 16.49 17.54
N TYR B 343 -2.41 16.60 16.31
CA TYR B 343 -1.74 15.99 15.16
C TYR B 343 -0.29 16.46 15.04
N LYS B 344 0.60 15.52 14.74
CA LYS B 344 1.99 15.81 14.38
C LYS B 344 2.25 15.35 12.95
N GLU B 345 2.91 16.20 12.17
CA GLU B 345 3.25 15.84 10.81
C GLU B 345 4.24 14.68 10.82
N PRO B 346 4.01 13.64 10.02
CA PRO B 346 5.00 12.56 9.87
C PRO B 346 6.38 13.01 9.36
N ARG B 347 7.20 12.05 9.00
CA ARG B 347 8.54 12.35 8.54
C ARG B 347 8.55 12.50 7.02
S SO4 C . 19.32 17.12 -34.77
O1 SO4 C . 17.95 17.27 -35.32
O2 SO4 C . 19.88 18.42 -34.41
O3 SO4 C . 19.36 16.25 -33.59
O4 SO4 C . 20.20 16.53 -35.76
S SO4 D . 16.84 23.88 -9.81
O1 SO4 D . 17.53 24.74 -8.85
O2 SO4 D . 15.80 23.15 -9.07
O3 SO4 D . 17.75 22.89 -10.41
O4 SO4 D . 16.26 24.70 -10.87
C4 K6Y E . -1.92 5.66 -12.96
C14 K6Y E . -6.90 8.54 -17.96
C11 K6Y E . -5.26 6.85 -16.41
C7 K6Y E . -2.68 4.79 -13.95
C8 K6Y E . -3.61 3.83 -13.22
C9 K6Y E . -3.59 5.59 -14.81
C10 K6Y E . -4.35 6.13 -15.56
C12 K6Y E . -6.03 7.83 -15.82
C13 K6Y E . -6.87 8.65 -16.56
C3 K6Y E . -0.65 5.33 -12.45
C1 K6Y E . 0.80 6.58 -10.69
C15 K6Y E . -6.14 7.55 -18.57
C16 K6Y E . -5.37 6.72 -17.80
C18 K6Y E . -7.77 9.49 -18.76
C19 K6Y E . -7.71 10.96 -18.23
C2 K6Y E . -0.35 6.31 -11.58
C20 K6Y E . -9.03 10.74 -17.44
C21 K6Y E . -9.23 9.48 -18.23
C23 K6Y E . -7.74 9.47 -15.70
C25 K6Y E . -8.55 10.21 -13.84
C26 K6Y E . -9.31 10.78 -14.83
C27 K6Y E . -10.51 11.61 -14.90
C30 K6Y E . -11.63 13.60 -14.12
C31 K6Y E . -8.62 10.52 -12.42
F17 K6Y E . -4.73 5.69 -18.39
N22 K6Y E . -8.73 10.34 -16.06
N24 K6Y E . -7.60 9.37 -14.39
N29 K6Y E . -10.48 12.74 -14.21
N33 K6Y E . -7.66 10.01 -11.66
N5 K6Y E . -2.37 6.77 -12.44
O28 K6Y E . -11.50 11.23 -15.51
O32 K6Y E . -9.54 11.22 -11.98
O34 K6Y E . -1.80 3.92 -14.67
O6 K6Y E . -1.37 7.19 -11.55
S SO4 F . 25.34 -6.24 15.20
O1 SO4 F . 26.00 -4.96 15.49
O2 SO4 F . 24.87 -6.81 16.45
O3 SO4 F . 26.28 -7.20 14.63
O4 SO4 F . 24.23 -5.99 14.26
S SO4 G . -2.90 -3.01 33.83
O1 SO4 G . -1.92 -1.92 33.63
O2 SO4 G . -4.01 -2.53 34.66
O3 SO4 G . -3.46 -3.42 32.54
O4 SO4 G . -2.22 -4.15 34.48
S SO4 H . -16.65 -28.23 30.67
O1 SO4 H . -16.56 -26.76 30.60
O2 SO4 H . -17.28 -28.63 31.94
O3 SO4 H . -17.47 -28.80 29.59
O4 SO4 H . -15.27 -28.77 30.55
C4 K6Y I . -6.46 -13.17 18.67
C14 K6Y I . -6.96 -7.31 14.13
C11 K6Y I . -7.09 -9.92 15.18
C7 K6Y I . -6.63 -13.45 17.19
C8 K6Y I . -7.69 -14.47 16.93
C9 K6Y I . -6.92 -12.22 16.43
C10 K6Y I . -7.03 -11.19 15.85
C12 K6Y I . -7.83 -8.89 15.75
C13 K6Y I . -7.79 -7.60 15.22
C3 K6Y I . -6.22 -14.18 19.61
C1 K6Y I . -5.72 -14.00 22.16
C15 K6Y I . -6.22 -8.34 13.54
C16 K6Y I . -6.33 -9.61 14.05
C18 K6Y I . -6.84 -5.91 13.56
C19 K6Y I . -6.73 -4.85 14.69
C2 K6Y I . -6.08 -13.56 20.80
C20 K6Y I . -8.23 -4.55 14.57
C21 K6Y I . -8.24 -5.29 13.27
C23 K6Y I . -8.70 -6.65 15.90
C25 K6Y I . -10.20 -5.99 17.34
C26 K6Y I . -9.98 -4.90 16.49
C27 K6Y I . -10.54 -3.55 16.31
C30 K6Y I . -11.85 -1.77 17.34
C31 K6Y I . -11.01 -6.02 18.56
F17 K6Y I . -5.73 -10.63 13.38
N22 K6Y I . -8.97 -5.33 15.59
N24 K6Y I . -9.41 -7.06 16.94
N29 K6Y I . -11.26 -3.10 17.35
N33 K6Y I . -10.90 -7.10 19.33
N5 K6Y I . -6.50 -11.99 19.25
O28 K6Y I . -10.38 -2.89 15.28
O32 K6Y I . -11.77 -5.07 18.84
O34 K6Y I . -5.51 -14.16 16.72
O6 K6Y I . -6.26 -12.23 20.62
#